data_9H4H
#
_entry.id   9H4H
#
_cell.length_a   109.469
_cell.length_b   109.469
_cell.length_c   205.358
_cell.angle_alpha   90.000
_cell.angle_beta   90.000
_cell.angle_gamma   90.000
#
_symmetry.space_group_name_H-M   'P 43 2 2'
#
loop_
_entity.id
_entity.type
_entity.pdbx_description
1 polymer 'Trans-aconitate decarboxylase 1'
2 water water
#
_entity_poly.entity_id   1
_entity_poly.type   'polypeptide(L)'
_entity_poly.pdbx_seq_one_letter_code
;MAPALNANPTTKRDELSAPSASHKLGMSSMASRAAGGGLKLTGLPDLSDSTGTLSDIFGTPQMREIWSDQNRVACYLEIE
AALAIVQADLGIIPKNAAHEIVEHCRVQEIDWALYKQKTELIGYPVLGIVQQLVANCKDGLGEYCHWGATTQDITDTATV
MQIRQSLTLVKQRLDSIVSSLEHLAEQHRNVPMAARSNLKQAVPITFGFKMARFLATFRRHQQRLVELEKRVYTLEFGGA
AGNLSSLGDQGIATHDALAKMLDLAPAEIAWHTEHDRFAEVGTFLGLLTGTLAKLATDIKLMSQTEVGEVGEPFISNRGA
SSTMPQKNNPISCVYIHACAANVRQGAAALLDAMQSDHERGTGPWEIIWVQLPLMMNWTSAALNNADFVLRGLQVFPDAM
QHNLDLSKGLIVSEAVMMGLGNTLGRQYAHDAVYECCRTAFVQDRPLLDVLLENHEIASKLDRTELEKLCDPANYLGQCS
QWIDRVLSPPSSA
;
_entity_poly.pdbx_strand_id   A,B
#
# COMPACT_ATOMS: atom_id res chain seq x y z
N THR A 51 -11.46 -7.41 16.62
CA THR A 51 -10.55 -7.07 17.71
C THR A 51 -10.42 -5.54 17.82
N GLY A 52 -9.92 -4.87 16.77
CA GLY A 52 -9.83 -3.42 16.77
C GLY A 52 -11.13 -2.78 16.30
N THR A 53 -11.29 -1.47 16.58
CA THR A 53 -12.52 -0.78 16.21
C THR A 53 -12.88 -0.99 14.74
N LEU A 54 -11.90 -0.89 13.84
CA LEU A 54 -12.17 -0.95 12.40
C LEU A 54 -11.75 -2.27 11.78
N SER A 55 -11.33 -3.25 12.59
CA SER A 55 -10.74 -4.48 12.05
C SER A 55 -11.73 -5.27 11.19
N ASP A 56 -13.03 -5.20 11.50
CA ASP A 56 -14.04 -5.90 10.71
C ASP A 56 -14.74 -4.99 9.72
N ILE A 57 -14.26 -3.75 9.56
CA ILE A 57 -14.77 -2.83 8.56
C ILE A 57 -13.88 -2.83 7.32
N PHE A 58 -12.56 -2.82 7.51
CA PHE A 58 -11.62 -2.94 6.39
C PHE A 58 -10.99 -4.32 6.34
N GLY A 59 -11.50 -5.26 7.14
CA GLY A 59 -11.12 -6.66 7.10
C GLY A 59 -12.36 -7.47 7.43
N THR A 60 -12.18 -8.78 7.54
CA THR A 60 -13.26 -9.68 7.93
C THR A 60 -12.74 -10.67 8.97
N PRO A 61 -13.60 -11.17 9.86
CA PRO A 61 -13.16 -12.19 10.83
C PRO A 61 -12.50 -13.40 10.18
N GLN A 62 -13.14 -13.96 9.14
CA GLN A 62 -12.63 -15.19 8.52
C GLN A 62 -11.26 -14.96 7.89
N MET A 63 -11.10 -13.86 7.14
CA MET A 63 -9.82 -13.64 6.48
C MET A 63 -8.74 -13.24 7.47
N ARG A 64 -9.09 -12.50 8.53
CA ARG A 64 -8.11 -12.18 9.56
C ARG A 64 -7.62 -13.45 10.27
N GLU A 65 -8.52 -14.41 10.48
CA GLU A 65 -8.11 -15.66 11.12
C GLU A 65 -7.09 -16.39 10.26
N ILE A 66 -7.31 -16.43 8.94
CA ILE A 66 -6.42 -17.16 8.04
C ILE A 66 -5.00 -16.62 8.14
N TRP A 67 -4.85 -15.29 8.22
CA TRP A 67 -3.52 -14.67 8.20
C TRP A 67 -2.99 -14.35 9.59
N SER A 68 -3.71 -14.72 10.64
CA SER A 68 -3.24 -14.53 12.01
C SER A 68 -1.96 -15.31 12.28
N ASP A 69 -1.25 -14.91 13.34
CA ASP A 69 -0.07 -15.64 13.81
C ASP A 69 -0.41 -17.10 14.10
N GLN A 70 -1.61 -17.35 14.63
CA GLN A 70 -1.97 -18.69 15.07
C GLN A 70 -2.16 -19.62 13.87
N ASN A 71 -2.88 -19.17 12.84
CA ASN A 71 -3.02 -19.99 11.65
C ASN A 71 -1.70 -20.09 10.89
N ARG A 72 -0.92 -19.01 10.88
CA ARG A 72 0.38 -19.05 10.21
C ARG A 72 1.27 -20.12 10.84
N VAL A 73 1.39 -20.11 12.16
CA VAL A 73 2.20 -21.11 12.86
C VAL A 73 1.57 -22.49 12.73
N ALA A 74 0.24 -22.59 12.81
CA ALA A 74 -0.42 -23.87 12.58
C ALA A 74 -0.04 -24.46 11.24
N CYS A 75 0.08 -23.62 10.21
CA CYS A 75 0.57 -24.11 8.91
C CYS A 75 2.01 -24.59 9.03
N TYR A 76 2.87 -23.82 9.71
CA TYR A 76 4.24 -24.26 9.94
C TYR A 76 4.27 -25.66 10.54
N LEU A 77 3.45 -25.91 11.58
CA LEU A 77 3.49 -27.20 12.26
C LEU A 77 3.00 -28.33 11.37
N GLU A 78 1.98 -28.09 10.55
CA GLU A 78 1.53 -29.14 9.64
C GLU A 78 2.63 -29.50 8.65
N ILE A 79 3.39 -28.51 8.19
CA ILE A 79 4.48 -28.79 7.27
C ILE A 79 5.57 -29.61 7.96
N GLU A 80 5.94 -29.21 9.18
CA GLU A 80 7.00 -29.95 9.90
C GLU A 80 6.55 -31.37 10.20
N ALA A 81 5.27 -31.54 10.55
CA ALA A 81 4.71 -32.88 10.76
C ALA A 81 4.82 -33.71 9.49
N ALA A 82 4.33 -33.17 8.37
CA ALA A 82 4.37 -33.91 7.11
C ALA A 82 5.79 -34.19 6.68
N LEU A 83 6.72 -33.26 6.95
CA LEU A 83 8.11 -33.48 6.60
C LEU A 83 8.71 -34.64 7.40
N ALA A 84 8.43 -34.68 8.70
CA ALA A 84 8.95 -35.76 9.52
C ALA A 84 8.43 -37.12 9.05
N ILE A 85 7.13 -37.19 8.75
CA ILE A 85 6.52 -38.45 8.30
C ILE A 85 7.17 -38.91 7.00
N VAL A 86 7.29 -38.01 6.04
CA VAL A 86 7.90 -38.35 4.75
C VAL A 86 9.32 -38.86 4.95
N GLN A 87 10.10 -38.17 5.78
CA GLN A 87 11.50 -38.57 5.93
C GLN A 87 11.63 -39.84 6.76
N ALA A 88 10.68 -40.10 7.65
CA ALA A 88 10.63 -41.40 8.32
C ALA A 88 10.32 -42.50 7.33
N ASP A 89 9.37 -42.27 6.43
CA ASP A 89 9.03 -43.26 5.41
C ASP A 89 10.21 -43.54 4.51
N LEU A 90 11.00 -42.51 4.19
CA LEU A 90 12.18 -42.67 3.35
C LEU A 90 13.37 -43.25 4.11
N GLY A 91 13.27 -43.43 5.42
CA GLY A 91 14.37 -43.93 6.20
C GLY A 91 15.44 -42.91 6.56
N ILE A 92 15.14 -41.62 6.45
CA ILE A 92 16.13 -40.59 6.77
C ILE A 92 16.20 -40.35 8.27
N ILE A 93 15.06 -40.35 8.95
CA ILE A 93 15.01 -40.16 10.40
C ILE A 93 14.27 -41.35 10.98
N PRO A 94 14.45 -41.64 12.27
CA PRO A 94 13.77 -42.79 12.87
C PRO A 94 12.26 -42.58 12.92
N LYS A 95 11.52 -43.69 12.79
CA LYS A 95 10.06 -43.61 12.75
C LYS A 95 9.47 -43.21 14.10
N ASN A 96 10.14 -43.56 15.21
CA ASN A 96 9.66 -43.10 16.50
C ASN A 96 9.85 -41.60 16.68
N ALA A 97 10.91 -41.03 16.09
CA ALA A 97 11.12 -39.59 16.18
C ALA A 97 10.01 -38.83 15.48
N ALA A 98 9.67 -39.24 14.26
CA ALA A 98 8.53 -38.65 13.54
C ALA A 98 7.26 -38.70 14.37
N HIS A 99 6.99 -39.84 15.00
CA HIS A 99 5.77 -39.98 15.80
C HIS A 99 5.75 -38.96 16.94
N GLU A 100 6.91 -38.74 17.57
CA GLU A 100 6.98 -37.77 18.66
C GLU A 100 6.89 -36.33 18.13
N ILE A 101 7.51 -36.06 16.97
CA ILE A 101 7.42 -34.73 16.39
C ILE A 101 5.97 -34.40 16.03
N VAL A 102 5.30 -35.32 15.32
CA VAL A 102 3.92 -35.11 14.91
C VAL A 102 3.03 -34.87 16.13
N GLU A 103 3.27 -35.62 17.21
CA GLU A 103 2.47 -35.49 18.41
C GLU A 103 2.57 -34.09 19.01
N HIS A 104 3.69 -33.40 18.80
CA HIS A 104 3.90 -32.07 19.35
C HIS A 104 3.75 -30.97 18.30
N CYS A 105 3.19 -31.29 17.14
CA CYS A 105 2.90 -30.27 16.13
C CYS A 105 1.49 -29.73 16.38
N ARG A 106 1.35 -29.06 17.51
CA ARG A 106 0.09 -28.50 17.97
C ARG A 106 0.33 -27.04 18.34
N VAL A 107 -0.46 -26.14 17.75
CA VAL A 107 -0.24 -24.73 17.95
C VAL A 107 -0.54 -24.30 19.38
N GLN A 108 -1.34 -25.09 20.12
CA GLN A 108 -1.66 -24.76 21.50
C GLN A 108 -0.47 -24.83 22.45
N GLU A 109 0.62 -25.49 22.05
CA GLU A 109 1.78 -25.66 22.93
C GLU A 109 2.80 -24.54 22.78
N ILE A 110 2.54 -23.55 21.94
CA ILE A 110 3.53 -22.52 21.62
C ILE A 110 3.51 -21.42 22.67
N ASP A 111 4.69 -20.96 23.06
CA ASP A 111 4.85 -19.80 23.94
C ASP A 111 5.01 -18.58 23.03
N TRP A 112 3.92 -17.80 22.90
CA TRP A 112 3.88 -16.72 21.92
C TRP A 112 4.84 -15.59 22.24
N ALA A 113 4.93 -15.19 23.51
CA ALA A 113 5.83 -14.10 23.88
C ALA A 113 7.28 -14.47 23.63
N LEU A 114 7.66 -15.71 23.97
CA LEU A 114 9.01 -16.18 23.69
C LEU A 114 9.27 -16.23 22.19
N TYR A 115 8.30 -16.75 21.43
CA TYR A 115 8.40 -16.78 19.98
C TYR A 115 8.59 -15.37 19.41
N LYS A 116 7.84 -14.41 19.93
CA LYS A 116 8.00 -13.02 19.53
C LYS A 116 9.42 -12.53 19.77
N GLN A 117 9.93 -12.76 20.98
CA GLN A 117 11.29 -12.32 21.32
C GLN A 117 12.33 -12.96 20.41
N LYS A 118 12.26 -14.28 20.24
CA LYS A 118 13.25 -14.97 19.42
C LYS A 118 13.19 -14.50 17.98
N THR A 119 11.99 -14.28 17.45
CA THR A 119 11.86 -13.81 16.08
C THR A 119 12.54 -12.46 15.91
N GLU A 120 12.37 -11.56 16.90
CA GLU A 120 13.05 -10.26 16.82
C GLU A 120 14.56 -10.40 16.92
N LEU A 121 15.06 -11.43 17.60
CA LEU A 121 16.50 -11.60 17.73
C LEU A 121 17.10 -12.32 16.53
N ILE A 122 16.39 -13.34 16.04
CA ILE A 122 16.87 -14.08 14.89
C ILE A 122 16.64 -13.29 13.61
N GLY A 123 15.49 -12.64 13.48
CA GLY A 123 15.18 -11.82 12.32
C GLY A 123 14.18 -12.44 11.37
N TYR A 124 13.85 -13.71 11.53
CA TYR A 124 12.97 -14.45 10.64
C TYR A 124 12.04 -15.32 11.49
N PRO A 125 10.89 -15.69 10.98
CA PRO A 125 9.78 -16.15 11.85
C PRO A 125 9.61 -17.65 12.04
N VAL A 126 10.54 -18.49 11.61
CA VAL A 126 10.36 -19.95 11.66
C VAL A 126 11.18 -20.58 12.78
N LEU A 127 12.46 -20.22 12.88
CA LEU A 127 13.35 -20.93 13.80
C LEU A 127 12.93 -20.78 15.25
N GLY A 128 12.16 -19.74 15.59
CA GLY A 128 11.60 -19.65 16.92
C GLY A 128 10.61 -20.77 17.21
N ILE A 129 9.90 -21.24 16.17
CA ILE A 129 8.96 -22.34 16.34
C ILE A 129 9.70 -23.68 16.35
N VAL A 130 10.69 -23.85 15.47
CA VAL A 130 11.49 -25.07 15.49
C VAL A 130 12.17 -25.24 16.84
N GLN A 131 12.59 -24.15 17.47
CA GLN A 131 13.26 -24.25 18.76
C GLN A 131 12.32 -24.78 19.83
N GLN A 132 11.06 -24.32 19.85
CA GLN A 132 10.12 -24.81 20.85
C GLN A 132 9.69 -26.24 20.55
N LEU A 133 9.62 -26.62 19.27
CA LEU A 133 9.30 -28.00 18.93
C LEU A 133 10.39 -28.96 19.40
N VAL A 134 11.66 -28.57 19.20
CA VAL A 134 12.77 -29.38 19.67
C VAL A 134 12.72 -29.54 21.18
N ALA A 135 12.36 -28.48 21.90
CA ALA A 135 12.35 -28.51 23.36
C ALA A 135 11.17 -29.27 23.93
N ASN A 136 10.05 -29.33 23.21
CA ASN A 136 8.86 -29.98 23.72
C ASN A 136 8.80 -31.48 23.42
N CYS A 137 9.66 -31.97 22.53
CA CYS A 137 9.72 -33.39 22.22
C CYS A 137 10.58 -34.13 23.24
N LYS A 138 10.24 -35.38 23.50
CA LYS A 138 11.00 -36.13 24.49
C LYS A 138 12.22 -36.79 23.88
N ASP A 139 13.18 -37.11 24.75
CA ASP A 139 14.33 -37.96 24.44
C ASP A 139 15.17 -37.41 23.29
N GLY A 140 15.22 -36.09 23.16
CA GLY A 140 15.94 -35.47 22.07
C GLY A 140 15.45 -35.85 20.69
N LEU A 141 14.25 -36.44 20.60
CA LEU A 141 13.71 -36.85 19.31
C LEU A 141 13.31 -35.65 18.45
N GLY A 142 13.12 -34.48 19.07
CA GLY A 142 12.78 -33.29 18.31
C GLY A 142 13.91 -32.78 17.43
N GLU A 143 15.14 -33.24 17.66
CA GLU A 143 16.29 -32.85 16.86
C GLU A 143 16.22 -33.38 15.43
N TYR A 144 15.21 -34.20 15.11
CA TYR A 144 15.00 -34.73 13.78
C TYR A 144 13.98 -33.93 12.96
N CYS A 145 13.37 -32.90 13.55
CA CYS A 145 12.44 -32.05 12.83
C CYS A 145 13.21 -31.03 11.99
N HIS A 146 12.49 -30.41 11.04
CA HIS A 146 13.07 -29.36 10.20
C HIS A 146 14.30 -29.87 9.44
N TRP A 147 14.28 -31.16 9.09
CA TRP A 147 15.47 -31.85 8.61
C TRP A 147 15.72 -31.50 7.15
N GLY A 148 16.78 -30.74 6.89
CA GLY A 148 17.10 -30.30 5.54
C GLY A 148 16.33 -29.10 5.05
N ALA A 149 15.43 -28.56 5.85
CA ALA A 149 14.64 -27.40 5.47
C ALA A 149 15.37 -26.10 5.77
N THR A 150 15.00 -25.05 5.04
CA THR A 150 15.33 -23.68 5.39
C THR A 150 14.05 -22.96 5.77
N THR A 151 14.18 -21.82 6.44
CA THR A 151 12.97 -21.18 6.95
C THR A 151 12.05 -20.71 5.83
N GLN A 152 12.60 -20.30 4.68
CA GLN A 152 11.71 -19.86 3.60
C GLN A 152 10.97 -21.03 2.94
N ASP A 153 11.46 -22.27 3.07
CA ASP A 153 10.62 -23.41 2.71
C ASP A 153 9.33 -23.40 3.52
N ILE A 154 9.44 -23.14 4.82
CA ILE A 154 8.28 -23.16 5.70
C ILE A 154 7.38 -21.95 5.44
N THR A 155 7.96 -20.76 5.28
CA THR A 155 7.11 -19.59 5.08
C THR A 155 6.45 -19.61 3.70
N ASP A 156 7.20 -19.95 2.65
CA ASP A 156 6.60 -20.00 1.32
C ASP A 156 5.46 -21.01 1.27
N THR A 157 5.69 -22.21 1.80
CA THR A 157 4.69 -23.26 1.72
C THR A 157 3.48 -22.92 2.59
N ALA A 158 3.72 -22.37 3.78
CA ALA A 158 2.62 -21.90 4.62
C ALA A 158 1.82 -20.80 3.92
N THR A 159 2.51 -19.84 3.29
CA THR A 159 1.82 -18.79 2.54
C THR A 159 0.96 -19.39 1.44
N VAL A 160 1.47 -20.42 0.74
CA VAL A 160 0.65 -21.13 -0.24
C VAL A 160 -0.62 -21.68 0.41
N MET A 161 -0.48 -22.35 1.56
CA MET A 161 -1.66 -22.93 2.20
C MET A 161 -2.63 -21.85 2.65
N GLN A 162 -2.11 -20.72 3.15
CA GLN A 162 -3.00 -19.63 3.55
C GLN A 162 -3.69 -19.01 2.33
N ILE A 163 -3.01 -18.96 1.18
CA ILE A 163 -3.65 -18.46 -0.03
C ILE A 163 -4.77 -19.39 -0.48
N ARG A 164 -4.55 -20.71 -0.40
CA ARG A 164 -5.60 -21.65 -0.74
C ARG A 164 -6.82 -21.46 0.15
N GLN A 165 -6.60 -21.30 1.46
CA GLN A 165 -7.71 -21.00 2.35
C GLN A 165 -8.39 -19.68 1.98
N SER A 166 -7.59 -18.66 1.65
CA SER A 166 -8.17 -17.36 1.28
C SER A 166 -9.01 -17.47 0.02
N LEU A 167 -8.50 -18.17 -0.99
CA LEU A 167 -9.20 -18.27 -2.26
C LEU A 167 -10.45 -19.14 -2.18
N THR A 168 -10.50 -20.06 -1.21
CA THR A 168 -11.77 -20.74 -0.94
C THR A 168 -12.84 -19.73 -0.54
N LEU A 169 -12.50 -18.81 0.36
CA LEU A 169 -13.45 -17.76 0.72
C LEU A 169 -13.77 -16.86 -0.48
N VAL A 170 -12.75 -16.53 -1.28
CA VAL A 170 -12.98 -15.68 -2.45
C VAL A 170 -13.92 -16.36 -3.44
N LYS A 171 -13.68 -17.64 -3.71
CA LYS A 171 -14.57 -18.36 -4.63
C LYS A 171 -16.01 -18.41 -4.12
N GLN A 172 -16.20 -18.56 -2.81
CA GLN A 172 -17.56 -18.57 -2.26
C GLN A 172 -18.22 -17.21 -2.46
N ARG A 173 -17.51 -16.12 -2.14
CA ARG A 173 -18.07 -14.80 -2.38
C ARG A 173 -18.40 -14.61 -3.86
N LEU A 174 -17.51 -15.06 -4.75
CA LEU A 174 -17.73 -14.90 -6.18
C LEU A 174 -18.97 -15.67 -6.65
N ASP A 175 -19.14 -16.91 -6.18
CA ASP A 175 -20.34 -17.67 -6.55
C ASP A 175 -21.61 -16.95 -6.11
N SER A 176 -21.59 -16.37 -4.90
CA SER A 176 -22.76 -15.67 -4.39
C SER A 176 -23.02 -14.38 -5.16
N ILE A 177 -21.98 -13.61 -5.47
CA ILE A 177 -22.15 -12.40 -6.26
C ILE A 177 -22.68 -12.76 -7.65
N VAL A 178 -22.13 -13.80 -8.26
CA VAL A 178 -22.59 -14.23 -9.58
C VAL A 178 -24.06 -14.65 -9.53
N SER A 179 -24.45 -15.35 -8.45
CA SER A 179 -25.84 -15.78 -8.30
C SER A 179 -26.77 -14.58 -8.17
N SER A 180 -26.39 -13.58 -7.37
CA SER A 180 -27.21 -12.38 -7.23
C SER A 180 -27.37 -11.66 -8.57
N LEU A 181 -26.28 -11.54 -9.34
CA LEU A 181 -26.36 -10.82 -10.60
C LEU A 181 -27.19 -11.56 -11.64
N GLU A 182 -27.10 -12.90 -11.66
CA GLU A 182 -27.99 -13.67 -12.52
C GLU A 182 -29.44 -13.40 -12.18
N HIS A 183 -29.76 -13.35 -10.89
CA HIS A 183 -31.13 -13.08 -10.47
C HIS A 183 -31.55 -11.67 -10.85
N LEU A 184 -30.66 -10.69 -10.66
CA LEU A 184 -31.00 -9.31 -10.98
C LEU A 184 -31.15 -9.10 -12.48
N ALA A 185 -30.26 -9.68 -13.28
CA ALA A 185 -30.36 -9.55 -14.73
C ALA A 185 -31.70 -10.10 -15.25
N GLU A 186 -32.17 -11.20 -14.66
CA GLU A 186 -33.44 -11.77 -15.11
C GLU A 186 -34.62 -10.99 -14.55
N GLN A 187 -34.59 -10.68 -13.25
CA GLN A 187 -35.71 -9.99 -12.62
C GLN A 187 -35.99 -8.64 -13.29
N HIS A 188 -34.93 -7.86 -13.57
CA HIS A 188 -35.09 -6.53 -14.14
C HIS A 188 -34.75 -6.50 -15.63
N ARG A 189 -34.95 -7.62 -16.31
CA ARG A 189 -34.58 -7.75 -17.72
C ARG A 189 -35.20 -6.65 -18.59
N ASN A 190 -36.43 -6.23 -18.27
CA ASN A 190 -37.17 -5.27 -19.10
C ASN A 190 -37.34 -3.91 -18.42
N VAL A 191 -36.65 -3.64 -17.32
CA VAL A 191 -36.82 -2.36 -16.62
C VAL A 191 -36.02 -1.27 -17.32
N PRO A 192 -36.68 -0.29 -17.95
CA PRO A 192 -35.96 0.72 -18.72
C PRO A 192 -35.28 1.77 -17.85
N MET A 193 -34.15 2.26 -18.34
CA MET A 193 -33.40 3.32 -17.68
C MET A 193 -32.50 4.00 -18.71
N ALA A 194 -31.98 5.16 -18.34
CA ALA A 194 -31.04 5.86 -19.19
C ALA A 194 -29.64 5.30 -19.02
N ALA A 195 -29.02 4.90 -20.12
CA ALA A 195 -27.57 4.71 -20.09
C ALA A 195 -26.88 6.07 -20.02
N ARG A 196 -25.65 6.06 -19.51
CA ARG A 196 -24.93 7.31 -19.28
C ARG A 196 -23.51 7.19 -19.80
N SER A 197 -23.12 8.18 -20.61
CA SER A 197 -21.78 8.26 -21.20
C SER A 197 -21.19 9.60 -20.79
N ASN A 198 -20.02 9.56 -20.15
CA ASN A 198 -19.38 10.77 -19.64
C ASN A 198 -20.30 11.48 -18.65
N LEU A 199 -21.04 10.68 -17.88
CA LEU A 199 -22.01 11.16 -16.90
C LEU A 199 -23.15 11.97 -17.53
N LYS A 200 -23.38 11.80 -18.83
CA LYS A 200 -24.51 12.40 -19.53
C LYS A 200 -25.37 11.28 -20.11
N GLN A 201 -26.70 11.49 -20.10
CA GLN A 201 -27.60 10.48 -20.62
C GLN A 201 -27.36 10.27 -22.12
N ALA A 202 -27.35 8.99 -22.53
CA ALA A 202 -26.99 8.63 -23.88
C ALA A 202 -28.25 8.12 -24.59
N VAL A 203 -28.56 6.83 -24.50
CA VAL A 203 -29.77 6.24 -25.07
C VAL A 203 -30.35 5.29 -24.03
N PRO A 204 -31.58 4.80 -24.18
CA PRO A 204 -32.13 3.90 -23.15
C PRO A 204 -31.52 2.51 -23.19
N ILE A 205 -31.45 1.90 -22.01
CA ILE A 205 -31.10 0.49 -21.83
C ILE A 205 -32.02 -0.05 -20.76
N THR A 206 -31.82 -1.30 -20.34
CA THR A 206 -32.52 -1.86 -19.20
C THR A 206 -31.57 -2.11 -18.05
N PHE A 207 -32.10 -2.08 -16.82
CA PHE A 207 -31.28 -2.34 -15.65
C PHE A 207 -30.69 -3.74 -15.66
N GLY A 208 -31.45 -4.72 -16.17
CA GLY A 208 -30.92 -6.06 -16.29
C GLY A 208 -29.71 -6.14 -17.19
N PHE A 209 -29.73 -5.38 -18.30
CA PHE A 209 -28.58 -5.29 -19.20
C PHE A 209 -27.35 -4.79 -18.46
N LYS A 210 -27.54 -3.74 -17.66
CA LYS A 210 -26.46 -3.21 -16.83
C LYS A 210 -25.90 -4.28 -15.90
N MET A 211 -26.78 -5.07 -15.28
CA MET A 211 -26.31 -6.12 -14.37
C MET A 211 -25.64 -7.27 -15.13
N ALA A 212 -26.14 -7.60 -16.32
CA ALA A 212 -25.52 -8.65 -17.10
C ALA A 212 -24.08 -8.30 -17.48
N ARG A 213 -23.78 -7.01 -17.60
CA ARG A 213 -22.42 -6.61 -17.95
C ARG A 213 -21.45 -6.83 -16.79
N PHE A 214 -21.88 -6.55 -15.55
CA PHE A 214 -21.08 -6.93 -14.38
C PHE A 214 -20.94 -8.44 -14.30
N LEU A 215 -22.04 -9.16 -14.51
CA LEU A 215 -22.03 -10.62 -14.42
C LEU A 215 -20.99 -11.23 -15.35
N ALA A 216 -20.99 -10.80 -16.62
CA ALA A 216 -20.01 -11.33 -17.56
C ALA A 216 -18.58 -11.09 -17.07
N THR A 217 -18.34 -9.95 -16.42
CA THR A 217 -17.01 -9.63 -15.93
C THR A 217 -16.59 -10.56 -14.79
N PHE A 218 -17.48 -10.77 -13.82
CA PHE A 218 -17.12 -11.63 -12.69
C PHE A 218 -16.88 -13.07 -13.14
N ARG A 219 -17.56 -13.51 -14.18
CA ARG A 219 -17.29 -14.84 -14.74
C ARG A 219 -15.88 -14.93 -15.31
N ARG A 220 -15.41 -13.84 -15.91
CA ARG A 220 -14.02 -13.81 -16.39
C ARG A 220 -13.05 -13.83 -15.21
N HIS A 221 -13.40 -13.15 -14.12
CA HIS A 221 -12.55 -13.22 -12.92
C HIS A 221 -12.53 -14.63 -12.33
N GLN A 222 -13.65 -15.35 -12.40
CA GLN A 222 -13.65 -16.73 -11.91
C GLN A 222 -12.69 -17.59 -12.71
N GLN A 223 -12.69 -17.42 -14.03
CA GLN A 223 -11.76 -18.17 -14.88
C GLN A 223 -10.31 -17.84 -14.54
N ARG A 224 -10.00 -16.55 -14.34
CA ARG A 224 -8.64 -16.18 -13.96
C ARG A 224 -8.24 -16.85 -12.65
N LEU A 225 -9.16 -16.89 -11.68
CA LEU A 225 -8.89 -17.52 -10.41
C LEU A 225 -8.51 -18.98 -10.59
N VAL A 226 -9.34 -19.73 -11.32
CA VAL A 226 -9.07 -21.16 -11.50
C VAL A 226 -7.74 -21.37 -12.18
N GLU A 227 -7.41 -20.52 -13.17
CA GLU A 227 -6.19 -20.74 -13.94
C GLU A 227 -4.94 -20.54 -13.09
N LEU A 228 -4.93 -19.53 -12.22
CA LEU A 228 -3.73 -19.30 -11.42
C LEU A 228 -3.57 -20.32 -10.30
N GLU A 229 -4.66 -20.98 -9.88
CA GLU A 229 -4.57 -21.93 -8.77
C GLU A 229 -3.61 -23.07 -9.08
N LYS A 230 -3.59 -23.54 -10.33
CA LYS A 230 -2.71 -24.66 -10.66
C LYS A 230 -1.24 -24.29 -10.59
N ARG A 231 -0.89 -23.02 -10.76
CA ARG A 231 0.48 -22.58 -10.56
C ARG A 231 0.78 -22.27 -9.10
N VAL A 232 -0.18 -21.67 -8.39
CA VAL A 232 0.07 -21.15 -7.06
C VAL A 232 0.12 -22.27 -6.02
N TYR A 233 -0.71 -23.31 -6.19
CA TYR A 233 -0.80 -24.39 -5.19
C TYR A 233 0.38 -25.36 -5.40
N THR A 234 1.56 -24.87 -5.02
CA THR A 234 2.82 -25.55 -5.29
C THR A 234 3.70 -25.52 -4.04
N LEU A 235 4.34 -26.65 -3.77
CA LEU A 235 5.25 -26.75 -2.64
C LEU A 235 6.53 -25.94 -2.88
N GLU A 236 7.05 -25.36 -1.79
CA GLU A 236 8.41 -24.84 -1.76
C GLU A 236 9.22 -25.64 -0.75
N PHE A 237 10.17 -26.44 -1.25
CA PHE A 237 11.09 -27.16 -0.38
C PHE A 237 12.39 -27.32 -1.16
N GLY A 238 13.35 -26.45 -0.87
CA GLY A 238 14.61 -26.41 -1.60
C GLY A 238 15.82 -26.17 -0.73
N GLY A 239 15.62 -25.84 0.54
CA GLY A 239 16.74 -25.63 1.42
C GLY A 239 17.42 -24.30 1.17
N ALA A 240 18.62 -24.18 1.75
CA ALA A 240 19.30 -22.89 1.84
C ALA A 240 19.46 -22.22 0.47
N ALA A 241 19.88 -23.00 -0.54
CA ALA A 241 20.16 -22.43 -1.85
C ALA A 241 19.30 -23.02 -2.96
N GLY A 242 18.29 -23.81 -2.61
CA GLY A 242 17.40 -24.41 -3.58
C GLY A 242 17.73 -25.84 -3.98
N ASN A 243 18.96 -26.29 -3.73
CA ASN A 243 19.39 -27.61 -4.20
C ASN A 243 19.35 -28.68 -3.11
N LEU A 244 18.85 -28.36 -1.91
CA LEU A 244 18.72 -29.32 -0.80
C LEU A 244 20.04 -30.08 -0.57
N SER A 245 21.14 -29.34 -0.50
CA SER A 245 22.47 -29.95 -0.45
C SER A 245 22.60 -30.88 0.76
N SER A 246 22.04 -30.49 1.90
CA SER A 246 22.15 -31.28 3.12
C SER A 246 21.40 -32.59 3.07
N LEU A 247 20.51 -32.79 2.09
CA LEU A 247 19.77 -34.04 1.96
C LEU A 247 20.39 -34.98 0.93
N GLY A 248 21.46 -34.55 0.25
CA GLY A 248 22.14 -35.43 -0.68
C GLY A 248 21.20 -36.01 -1.72
N ASP A 249 21.32 -37.31 -1.96
CA ASP A 249 20.52 -37.95 -3.00
C ASP A 249 19.08 -38.20 -2.58
N GLN A 250 18.63 -37.62 -1.45
CA GLN A 250 17.26 -37.75 -1.00
C GLN A 250 16.45 -36.47 -1.15
N GLY A 251 17.04 -35.41 -1.72
CA GLY A 251 16.35 -34.13 -1.77
C GLY A 251 15.09 -34.19 -2.62
N ILE A 252 15.22 -34.62 -3.88
CA ILE A 252 14.07 -34.66 -4.78
C ILE A 252 13.01 -35.62 -4.24
N ALA A 253 13.43 -36.77 -3.73
CA ALA A 253 12.48 -37.74 -3.16
C ALA A 253 11.69 -37.13 -2.01
N THR A 254 12.39 -36.43 -1.11
CA THR A 254 11.71 -35.74 -0.01
C THR A 254 10.75 -34.68 -0.53
N HIS A 255 11.21 -33.84 -1.46
CA HIS A 255 10.35 -32.78 -2.00
C HIS A 255 9.06 -33.35 -2.57
N ASP A 256 9.17 -34.34 -3.45
CA ASP A 256 7.97 -34.87 -4.11
C ASP A 256 7.03 -35.57 -3.14
N ALA A 257 7.56 -36.31 -2.17
CA ALA A 257 6.70 -36.96 -1.19
C ALA A 257 6.01 -35.93 -0.29
N LEU A 258 6.72 -34.86 0.06
CA LEU A 258 6.12 -33.81 0.89
C LEU A 258 4.98 -33.11 0.16
N ALA A 259 5.16 -32.84 -1.14
CA ALA A 259 4.10 -32.24 -1.95
C ALA A 259 2.82 -33.07 -1.91
N LYS A 260 2.93 -34.38 -2.13
CA LYS A 260 1.76 -35.26 -1.98
C LYS A 260 1.16 -35.19 -0.58
N MET A 261 1.98 -35.19 0.46
CA MET A 261 1.42 -35.16 1.81
C MET A 261 0.62 -33.89 2.06
N LEU A 262 1.02 -32.76 1.46
CA LEU A 262 0.33 -31.51 1.66
C LEU A 262 -0.71 -31.21 0.58
N ASP A 263 -0.94 -32.13 -0.36
CA ASP A 263 -1.87 -31.92 -1.46
C ASP A 263 -1.48 -30.70 -2.29
N LEU A 264 -0.19 -30.59 -2.58
CA LEU A 264 0.35 -29.50 -3.38
C LEU A 264 1.12 -30.08 -4.56
N ALA A 265 1.21 -29.30 -5.64
CA ALA A 265 1.95 -29.74 -6.80
C ALA A 265 3.44 -29.72 -6.49
N PRO A 266 4.21 -30.71 -6.98
CA PRO A 266 5.67 -30.61 -6.87
C PRO A 266 6.19 -29.47 -7.72
N ALA A 267 7.20 -28.77 -7.21
N ALA A 267 7.20 -28.77 -7.21
CA ALA A 267 7.81 -27.66 -7.92
CA ALA A 267 7.81 -27.66 -7.92
C ALA A 267 8.75 -28.16 -9.00
C ALA A 267 8.75 -28.16 -9.00
N GLU A 268 8.81 -27.44 -10.13
CA GLU A 268 9.85 -27.73 -11.10
C GLU A 268 11.22 -27.59 -10.44
N ILE A 269 11.48 -26.41 -9.89
CA ILE A 269 12.75 -26.07 -9.26
C ILE A 269 12.43 -25.08 -8.15
N ALA A 270 13.40 -24.78 -7.29
CA ALA A 270 13.15 -23.84 -6.20
C ALA A 270 12.70 -22.49 -6.74
N TRP A 271 11.91 -21.78 -5.95
CA TRP A 271 11.40 -20.49 -6.37
C TRP A 271 11.45 -19.48 -5.23
N HIS A 272 12.51 -19.54 -4.42
CA HIS A 272 12.63 -18.65 -3.26
C HIS A 272 12.77 -17.19 -3.65
N THR A 273 13.36 -16.90 -4.80
CA THR A 273 13.50 -15.52 -5.26
C THR A 273 12.72 -15.31 -6.54
N GLU A 274 11.87 -16.26 -6.88
CA GLU A 274 11.05 -16.25 -8.09
C GLU A 274 9.61 -16.08 -7.63
N HIS A 275 9.18 -14.84 -7.48
CA HIS A 275 7.96 -14.53 -6.75
C HIS A 275 6.73 -14.36 -7.64
N ASP A 276 6.75 -14.95 -8.84
CA ASP A 276 5.63 -14.71 -9.76
C ASP A 276 4.33 -15.35 -9.27
N ARG A 277 4.42 -16.45 -8.52
CA ARG A 277 3.20 -17.07 -8.00
C ARG A 277 2.50 -16.16 -7.00
N PHE A 278 3.26 -15.58 -6.06
CA PHE A 278 2.64 -14.67 -5.10
C PHE A 278 2.21 -13.36 -5.77
N ALA A 279 3.05 -12.83 -6.66
CA ALA A 279 2.70 -11.56 -7.32
C ALA A 279 1.46 -11.70 -8.18
N GLU A 280 1.29 -12.86 -8.83
CA GLU A 280 0.11 -13.09 -9.67
C GLU A 280 -1.16 -13.17 -8.84
N VAL A 281 -1.06 -13.69 -7.62
CA VAL A 281 -2.18 -13.58 -6.69
C VAL A 281 -2.50 -12.11 -6.43
N GLY A 282 -1.46 -11.29 -6.23
CA GLY A 282 -1.68 -9.88 -5.97
C GLY A 282 -2.32 -9.16 -7.14
N THR A 283 -1.84 -9.42 -8.36
CA THR A 283 -2.45 -8.74 -9.51
C THR A 283 -3.88 -9.22 -9.74
N PHE A 284 -4.17 -10.49 -9.46
CA PHE A 284 -5.55 -10.96 -9.56
C PHE A 284 -6.45 -10.22 -8.59
N LEU A 285 -5.99 -10.03 -7.34
CA LEU A 285 -6.76 -9.26 -6.38
C LEU A 285 -6.97 -7.83 -6.88
N GLY A 286 -5.94 -7.25 -7.50
CA GLY A 286 -6.10 -5.94 -8.11
C GLY A 286 -7.18 -5.91 -9.18
N LEU A 287 -7.16 -6.90 -10.08
CA LEU A 287 -8.16 -6.97 -11.15
C LEU A 287 -9.56 -7.15 -10.59
N LEU A 288 -9.71 -8.04 -9.61
CA LEU A 288 -11.03 -8.30 -9.04
C LEU A 288 -11.57 -7.07 -8.30
N THR A 289 -10.74 -6.46 -7.45
CA THR A 289 -11.21 -5.27 -6.73
C THR A 289 -11.40 -4.08 -7.66
N GLY A 290 -10.75 -4.06 -8.83
CA GLY A 290 -11.06 -3.05 -9.84
C GLY A 290 -12.51 -3.12 -10.28
N THR A 291 -13.01 -4.33 -10.56
CA THR A 291 -14.41 -4.50 -10.92
C THR A 291 -15.33 -4.20 -9.74
N LEU A 292 -14.96 -4.63 -8.53
CA LEU A 292 -15.73 -4.27 -7.34
C LEU A 292 -15.81 -2.75 -7.19
N ALA A 293 -14.73 -2.04 -7.53
CA ALA A 293 -14.74 -0.59 -7.40
C ALA A 293 -15.65 0.06 -8.43
N LYS A 294 -15.75 -0.51 -9.63
CA LYS A 294 -16.72 -0.01 -10.60
C LYS A 294 -18.14 -0.19 -10.09
N LEU A 295 -18.43 -1.39 -9.54
CA LEU A 295 -19.76 -1.65 -8.99
C LEU A 295 -20.10 -0.62 -7.92
N ALA A 296 -19.16 -0.36 -7.02
CA ALA A 296 -19.39 0.63 -5.97
C ALA A 296 -19.62 2.02 -6.57
N THR A 297 -18.88 2.35 -7.63
CA THR A 297 -19.04 3.65 -8.26
C THR A 297 -20.44 3.80 -8.87
N ASP A 298 -20.87 2.79 -9.63
CA ASP A 298 -22.16 2.91 -10.32
C ASP A 298 -23.32 2.91 -9.33
N ILE A 299 -23.21 2.14 -8.24
CA ILE A 299 -24.29 2.11 -7.27
C ILE A 299 -24.37 3.43 -6.50
N LYS A 300 -23.23 3.98 -6.09
CA LYS A 300 -23.29 5.25 -5.38
C LYS A 300 -23.73 6.39 -6.29
N LEU A 301 -23.43 6.31 -7.59
CA LEU A 301 -23.96 7.30 -8.52
C LEU A 301 -25.47 7.15 -8.69
N MET A 302 -25.96 5.92 -8.74
CA MET A 302 -27.40 5.73 -8.90
C MET A 302 -28.18 6.02 -7.61
N SER A 303 -27.52 6.14 -6.47
CA SER A 303 -28.21 6.50 -5.24
C SER A 303 -28.02 7.96 -4.85
N GLN A 304 -27.43 8.78 -5.74
CA GLN A 304 -27.40 10.22 -5.51
C GLN A 304 -28.82 10.73 -5.29
N THR A 305 -28.96 11.77 -4.47
CA THR A 305 -30.28 12.34 -4.21
C THR A 305 -30.99 12.71 -5.49
N GLU A 306 -30.26 13.26 -6.47
CA GLU A 306 -30.86 13.69 -7.72
C GLU A 306 -31.14 12.55 -8.71
N VAL A 307 -30.73 11.32 -8.39
CA VAL A 307 -30.92 10.18 -9.29
C VAL A 307 -31.86 9.16 -8.67
N GLY A 308 -31.48 8.60 -7.52
CA GLY A 308 -32.37 7.76 -6.74
C GLY A 308 -32.84 6.48 -7.39
N GLU A 309 -32.00 5.85 -8.21
CA GLU A 309 -32.44 4.68 -8.96
C GLU A 309 -32.20 3.37 -8.23
N VAL A 310 -31.26 3.31 -7.29
CA VAL A 310 -31.02 2.14 -6.45
C VAL A 310 -30.77 2.61 -5.03
N GLY A 311 -30.77 1.65 -4.11
CA GLY A 311 -30.41 1.91 -2.73
C GLY A 311 -29.72 0.72 -2.10
N GLU A 312 -28.74 0.96 -1.23
CA GLU A 312 -28.14 -0.14 -0.50
C GLU A 312 -29.19 -0.77 0.40
N PRO A 313 -29.03 -2.05 0.80
CA PRO A 313 -30.09 -2.68 1.60
C PRO A 313 -30.27 -2.10 3.00
N ASN A 329 -27.00 6.50 3.23
CA ASN A 329 -25.61 6.65 2.82
C ASN A 329 -25.09 5.33 2.23
N PRO A 330 -24.44 5.41 1.05
CA PRO A 330 -23.92 4.19 0.42
C PRO A 330 -22.65 3.70 1.11
N ILE A 331 -22.80 3.25 2.36
CA ILE A 331 -21.64 2.99 3.21
C ILE A 331 -20.84 1.79 2.71
N SER A 332 -21.49 0.75 2.19
CA SER A 332 -20.74 -0.38 1.65
C SER A 332 -19.91 0.04 0.44
N CYS A 333 -20.45 0.91 -0.40
CA CYS A 333 -19.68 1.39 -1.55
C CYS A 333 -18.47 2.18 -1.09
N VAL A 334 -18.62 2.91 0.02
CA VAL A 334 -17.52 3.67 0.57
C VAL A 334 -16.36 2.74 0.93
N TYR A 335 -16.65 1.63 1.61
CA TYR A 335 -15.59 0.72 2.02
C TYR A 335 -14.98 0.02 0.82
N ILE A 336 -15.80 -0.34 -0.16
CA ILE A 336 -15.28 -1.00 -1.35
C ILE A 336 -14.26 -0.11 -2.04
N HIS A 337 -14.60 1.18 -2.20
CA HIS A 337 -13.72 2.11 -2.90
C HIS A 337 -12.35 2.17 -2.22
N ALA A 338 -12.33 2.34 -0.89
CA ALA A 338 -11.06 2.46 -0.20
C ALA A 338 -10.27 1.16 -0.24
N CYS A 339 -10.96 0.02 -0.13
CA CYS A 339 -10.27 -1.26 -0.16
C CYS A 339 -9.58 -1.48 -1.52
N ALA A 340 -10.29 -1.19 -2.61
CA ALA A 340 -9.72 -1.39 -3.94
C ALA A 340 -8.52 -0.49 -4.17
N ALA A 341 -8.61 0.77 -3.75
CA ALA A 341 -7.46 1.68 -3.89
C ALA A 341 -6.24 1.15 -3.15
N ASN A 342 -6.43 0.61 -1.96
CA ASN A 342 -5.30 0.07 -1.21
C ASN A 342 -4.76 -1.19 -1.88
N VAL A 343 -5.66 -2.00 -2.44
CA VAL A 343 -5.23 -3.26 -3.05
C VAL A 343 -4.42 -2.99 -4.32
N ARG A 344 -4.84 -2.02 -5.14
CA ARG A 344 -4.12 -1.77 -6.39
C ARG A 344 -2.69 -1.31 -6.15
N GLN A 345 -2.47 -0.51 -5.10
CA GLN A 345 -1.10 -0.09 -4.77
C GLN A 345 -0.30 -1.26 -4.20
N GLY A 346 -0.96 -2.14 -3.44
CA GLY A 346 -0.28 -3.33 -2.95
C GLY A 346 0.21 -4.22 -4.06
N ALA A 347 -0.57 -4.32 -5.15
CA ALA A 347 -0.15 -5.12 -6.30
C ALA A 347 1.15 -4.57 -6.89
N ALA A 348 1.26 -3.25 -6.99
CA ALA A 348 2.52 -2.65 -7.46
C ALA A 348 3.68 -3.02 -6.54
N ALA A 349 3.43 -3.07 -5.22
CA ALA A 349 4.50 -3.43 -4.29
C ALA A 349 4.92 -4.89 -4.48
N LEU A 350 3.95 -5.78 -4.76
CA LEU A 350 4.30 -7.18 -4.98
C LEU A 350 5.06 -7.36 -6.29
N LEU A 351 4.71 -6.59 -7.32
CA LEU A 351 5.51 -6.58 -8.54
C LEU A 351 6.92 -6.08 -8.24
N ASP A 352 7.04 -5.01 -7.46
CA ASP A 352 8.33 -4.54 -6.97
C ASP A 352 9.12 -5.66 -6.30
N ALA A 353 8.45 -6.47 -5.47
CA ALA A 353 9.13 -7.53 -4.72
C ALA A 353 9.71 -8.61 -5.61
N MET A 354 9.27 -8.72 -6.86
CA MET A 354 9.84 -9.72 -7.78
C MET A 354 11.32 -9.50 -8.04
N GLN A 355 11.88 -8.37 -7.58
CA GLN A 355 13.28 -8.01 -7.78
C GLN A 355 14.19 -8.63 -6.74
N SER A 356 13.89 -9.85 -6.31
CA SER A 356 14.61 -10.47 -5.21
C SER A 356 15.92 -11.04 -5.72
N ASP A 357 17.02 -10.66 -5.07
CA ASP A 357 18.36 -10.97 -5.57
C ASP A 357 18.81 -12.39 -5.24
N HIS A 358 19.44 -13.03 -6.22
CA HIS A 358 20.20 -14.28 -6.05
C HIS A 358 19.28 -15.36 -5.49
N GLU A 359 19.65 -16.04 -4.40
CA GLU A 359 18.93 -17.19 -3.89
C GLU A 359 18.10 -16.89 -2.64
N ARG A 360 18.26 -15.72 -2.03
CA ARG A 360 17.36 -15.24 -0.98
C ARG A 360 17.41 -13.72 -1.01
N GLY A 361 16.25 -13.10 -1.22
CA GLY A 361 16.21 -11.66 -1.43
C GLY A 361 16.48 -10.86 -0.17
N THR A 362 17.24 -9.77 -0.33
CA THR A 362 17.64 -8.89 0.78
C THR A 362 16.67 -7.71 0.87
N GLY A 363 15.43 -8.01 1.23
CA GLY A 363 14.43 -6.98 1.34
C GLY A 363 13.16 -7.19 0.52
N PRO A 364 13.27 -7.45 -0.79
CA PRO A 364 12.05 -7.65 -1.60
C PRO A 364 11.15 -8.75 -1.07
N TRP A 365 11.73 -9.89 -0.72
CA TRP A 365 10.98 -11.01 -0.16
C TRP A 365 10.09 -10.55 1.00
N GLU A 366 10.61 -9.68 1.87
CA GLU A 366 9.87 -9.28 3.06
C GLU A 366 8.69 -8.37 2.74
N ILE A 367 8.69 -7.70 1.59
CA ILE A 367 7.50 -6.96 1.16
C ILE A 367 6.28 -7.86 1.16
N ILE A 368 6.46 -9.11 0.71
CA ILE A 368 5.34 -10.04 0.63
C ILE A 368 4.78 -10.37 2.00
N TRP A 369 5.64 -10.43 3.03
CA TRP A 369 5.14 -10.72 4.38
C TRP A 369 4.10 -9.70 4.81
N VAL A 370 4.28 -8.44 4.42
CA VAL A 370 3.41 -7.36 4.87
C VAL A 370 2.19 -7.22 3.97
N GLN A 371 2.39 -7.23 2.65
CA GLN A 371 1.33 -6.82 1.73
C GLN A 371 0.27 -7.89 1.55
N LEU A 372 0.68 -9.15 1.41
CA LEU A 372 -0.27 -10.21 1.06
C LEU A 372 -1.40 -10.34 2.09
N PRO A 373 -1.14 -10.41 3.39
CA PRO A 373 -2.28 -10.45 4.33
C PRO A 373 -3.14 -9.20 4.29
N LEU A 374 -2.54 -8.02 4.10
CA LEU A 374 -3.33 -6.79 3.98
C LEU A 374 -4.25 -6.85 2.76
N MET A 375 -3.69 -7.16 1.59
CA MET A 375 -4.51 -7.22 0.38
C MET A 375 -5.61 -8.28 0.48
N MET A 376 -5.30 -9.45 1.05
CA MET A 376 -6.33 -10.45 1.25
C MET A 376 -7.46 -9.93 2.13
N ASN A 377 -7.12 -9.25 3.22
CA ASN A 377 -8.13 -8.73 4.13
C ASN A 377 -8.97 -7.64 3.48
N TRP A 378 -8.31 -6.65 2.86
CA TRP A 378 -9.04 -5.60 2.14
C TRP A 378 -9.97 -6.21 1.09
N THR A 379 -9.50 -7.23 0.37
CA THR A 379 -10.32 -7.83 -0.68
C THR A 379 -11.53 -8.54 -0.10
N SER A 380 -11.35 -9.24 1.03
CA SER A 380 -12.48 -9.96 1.62
C SER A 380 -13.53 -8.97 2.12
N ALA A 381 -13.11 -7.82 2.65
CA ALA A 381 -14.08 -6.82 3.09
C ALA A 381 -14.83 -6.22 1.91
N ALA A 382 -14.12 -5.95 0.81
CA ALA A 382 -14.78 -5.46 -0.39
C ALA A 382 -15.77 -6.49 -0.93
N LEU A 383 -15.37 -7.76 -0.98
CA LEU A 383 -16.27 -8.80 -1.45
C LEU A 383 -17.48 -8.95 -0.55
N ASN A 384 -17.27 -8.87 0.77
CA ASN A 384 -18.38 -9.00 1.72
C ASN A 384 -19.41 -7.92 1.48
N ASN A 385 -18.96 -6.69 1.31
CA ASN A 385 -19.88 -5.57 1.10
C ASN A 385 -20.61 -5.68 -0.23
N ALA A 386 -19.90 -6.07 -1.30
CA ALA A 386 -20.56 -6.21 -2.59
C ALA A 386 -21.56 -7.37 -2.57
N ASP A 387 -21.18 -8.48 -1.94
CA ASP A 387 -22.09 -9.61 -1.79
C ASP A 387 -23.34 -9.18 -1.05
N PHE A 388 -23.16 -8.49 0.07
CA PHE A 388 -24.30 -8.01 0.86
C PHE A 388 -25.16 -7.05 0.06
N VAL A 389 -24.53 -6.09 -0.63
CA VAL A 389 -25.28 -5.09 -1.37
C VAL A 389 -26.09 -5.73 -2.49
N LEU A 390 -25.45 -6.61 -3.26
CA LEU A 390 -26.16 -7.22 -4.39
C LEU A 390 -27.29 -8.14 -3.92
N ARG A 391 -27.17 -8.73 -2.72
CA ARG A 391 -28.20 -9.67 -2.28
C ARG A 391 -29.45 -8.96 -1.80
N GLY A 392 -29.33 -7.72 -1.32
CA GLY A 392 -30.50 -6.97 -0.91
C GLY A 392 -30.70 -5.63 -1.62
N LEU A 393 -30.17 -5.49 -2.82
CA LEU A 393 -30.23 -4.22 -3.54
C LEU A 393 -31.68 -3.77 -3.73
N GLN A 394 -31.95 -2.51 -3.39
CA GLN A 394 -33.25 -1.90 -3.69
C GLN A 394 -33.19 -1.25 -5.06
N VAL A 395 -34.16 -1.55 -5.90
CA VAL A 395 -34.25 -1.02 -7.26
C VAL A 395 -35.55 -0.22 -7.35
N PHE A 396 -35.47 0.98 -7.93
CA PHE A 396 -36.60 1.90 -8.03
C PHE A 396 -36.92 2.20 -9.48
N PRO A 397 -37.73 1.37 -10.13
CA PRO A 397 -38.06 1.60 -11.55
C PRO A 397 -38.76 2.92 -11.81
N ASP A 398 -39.53 3.46 -10.85
CA ASP A 398 -40.21 4.72 -11.07
C ASP A 398 -39.23 5.88 -11.16
N ALA A 399 -38.18 5.87 -10.32
CA ALA A 399 -37.12 6.88 -10.45
C ALA A 399 -36.40 6.73 -11.78
N MET A 400 -36.13 5.48 -12.16
CA MET A 400 -35.54 5.16 -13.46
C MET A 400 -36.37 5.76 -14.60
N GLN A 401 -37.70 5.57 -14.55
CA GLN A 401 -38.56 6.11 -15.59
C GLN A 401 -38.57 7.65 -15.55
N HIS A 402 -38.61 8.23 -14.35
CA HIS A 402 -38.59 9.68 -14.22
C HIS A 402 -37.33 10.28 -14.85
N ASN A 403 -36.17 9.66 -14.60
CA ASN A 403 -34.94 10.18 -15.19
C ASN A 403 -34.91 9.97 -16.70
N LEU A 404 -35.51 8.89 -17.21
CA LEU A 404 -35.60 8.69 -18.65
C LEU A 404 -36.44 9.79 -19.30
N ASP A 405 -37.41 10.33 -18.59
CA ASP A 405 -38.31 11.34 -19.13
C ASP A 405 -37.75 12.75 -18.98
N LEU A 406 -36.57 12.91 -18.38
CA LEU A 406 -36.01 14.24 -18.13
C LEU A 406 -35.79 15.00 -19.42
N SER A 407 -35.19 14.36 -20.42
CA SER A 407 -34.86 15.06 -21.66
C SER A 407 -36.05 15.25 -22.58
N LYS A 408 -37.24 14.74 -22.21
CA LYS A 408 -38.48 15.00 -22.93
C LYS A 408 -38.42 14.52 -24.38
N GLY A 409 -37.71 13.41 -24.63
CA GLY A 409 -37.59 12.83 -25.94
C GLY A 409 -36.21 12.90 -26.56
N LEU A 410 -35.35 13.82 -26.12
CA LEU A 410 -34.05 13.98 -26.76
C LEU A 410 -33.24 12.68 -26.71
N ILE A 411 -33.43 11.88 -25.65
CA ILE A 411 -32.65 10.67 -25.49
C ILE A 411 -32.98 9.63 -26.56
N VAL A 412 -34.10 9.76 -27.27
CA VAL A 412 -34.41 8.82 -28.35
C VAL A 412 -34.55 9.54 -29.69
N SER A 413 -33.84 10.65 -29.86
CA SER A 413 -33.85 11.35 -31.15
C SER A 413 -33.42 10.45 -32.29
N GLU A 414 -32.48 9.54 -32.04
CA GLU A 414 -32.04 8.62 -33.08
C GLU A 414 -33.17 7.70 -33.52
N ALA A 415 -34.03 7.29 -32.59
CA ALA A 415 -35.22 6.53 -32.97
C ALA A 415 -36.17 7.38 -33.80
N VAL A 416 -36.26 8.68 -33.51
CA VAL A 416 -37.11 9.55 -34.30
C VAL A 416 -36.57 9.70 -35.71
N MET A 417 -35.25 9.86 -35.85
CA MET A 417 -34.65 9.97 -37.18
C MET A 417 -35.00 8.76 -38.04
N MET A 418 -34.80 7.57 -37.49
CA MET A 418 -35.04 6.34 -38.25
C MET A 418 -36.52 6.21 -38.59
N GLY A 419 -37.41 6.45 -37.62
CA GLY A 419 -38.84 6.37 -37.88
C GLY A 419 -39.31 7.30 -38.99
N LEU A 420 -38.67 8.47 -39.13
CA LEU A 420 -39.02 9.45 -40.14
C LEU A 420 -38.31 9.28 -41.48
N GLY A 421 -37.34 8.37 -41.59
CA GLY A 421 -36.53 8.31 -42.80
C GLY A 421 -37.33 7.94 -44.06
N ASN A 422 -38.30 7.04 -43.93
CA ASN A 422 -39.09 6.65 -45.10
C ASN A 422 -40.00 7.79 -45.54
N THR A 423 -40.49 8.58 -44.58
CA THR A 423 -41.47 9.63 -44.86
C THR A 423 -40.81 10.92 -45.33
N LEU A 424 -39.62 11.23 -44.82
CA LEU A 424 -38.96 12.49 -45.15
C LEU A 424 -37.77 12.33 -46.07
N GLY A 425 -37.26 11.11 -46.24
CA GLY A 425 -35.98 10.98 -46.88
C GLY A 425 -34.92 10.88 -45.80
N ARG A 426 -33.92 10.03 -46.02
CA ARG A 426 -32.89 9.77 -45.03
C ARG A 426 -32.21 11.06 -44.58
N GLN A 427 -31.83 11.90 -45.54
CA GLN A 427 -31.05 13.09 -45.24
C GLN A 427 -31.85 14.12 -44.45
N TYR A 428 -33.06 14.45 -44.92
CA TYR A 428 -33.87 15.44 -44.20
C TYR A 428 -34.26 14.95 -42.82
N ALA A 429 -34.59 13.65 -42.70
CA ALA A 429 -34.94 13.12 -41.38
C ALA A 429 -33.83 13.37 -40.37
N HIS A 430 -32.58 13.08 -40.76
CA HIS A 430 -31.45 13.39 -39.89
C HIS A 430 -31.37 14.88 -39.60
N ASP A 431 -31.34 15.71 -40.64
CA ASP A 431 -31.15 17.14 -40.45
C ASP A 431 -32.30 17.78 -39.68
N ALA A 432 -33.53 17.42 -40.01
CA ALA A 432 -34.68 18.01 -39.32
C ALA A 432 -34.70 17.64 -37.84
N VAL A 433 -34.48 16.36 -37.54
CA VAL A 433 -34.55 15.93 -36.14
C VAL A 433 -33.37 16.51 -35.37
N TYR A 434 -32.20 16.57 -35.99
CA TYR A 434 -31.04 17.19 -35.37
C TYR A 434 -31.31 18.62 -34.94
N GLU A 435 -31.82 19.43 -35.87
CA GLU A 435 -32.12 20.84 -35.56
C GLU A 435 -33.24 20.95 -34.55
N CYS A 436 -34.28 20.13 -34.68
CA CYS A 436 -35.39 20.17 -33.72
C CYS A 436 -34.91 19.80 -32.32
N CYS A 437 -33.98 18.86 -32.24
CA CYS A 437 -33.39 18.51 -30.95
C CYS A 437 -32.75 19.72 -30.30
N ARG A 438 -31.95 20.47 -31.07
CA ARG A 438 -31.26 21.63 -30.52
C ARG A 438 -32.25 22.69 -30.07
N THR A 439 -33.33 22.89 -30.83
CA THR A 439 -34.39 23.81 -30.39
C THR A 439 -35.03 23.34 -29.09
N ALA A 440 -35.40 22.06 -29.01
CA ALA A 440 -36.06 21.56 -27.81
C ALA A 440 -35.16 21.68 -26.59
N PHE A 441 -33.86 21.48 -26.78
CA PHE A 441 -32.91 21.60 -25.67
C PHE A 441 -32.79 23.04 -25.19
N VAL A 442 -32.56 23.96 -26.13
CA VAL A 442 -32.38 25.36 -25.76
C VAL A 442 -33.66 25.93 -25.14
N GLN A 443 -34.81 25.54 -25.68
CA GLN A 443 -36.08 26.08 -25.23
C GLN A 443 -36.70 25.27 -24.09
N ASP A 444 -36.09 24.13 -23.72
CA ASP A 444 -36.57 23.29 -22.63
C ASP A 444 -38.03 22.85 -22.85
N ARG A 445 -38.30 22.35 -24.05
CA ARG A 445 -39.61 21.85 -24.43
C ARG A 445 -39.50 20.42 -24.95
N PRO A 446 -40.60 19.67 -24.93
CA PRO A 446 -40.55 18.30 -25.48
C PRO A 446 -40.21 18.32 -26.96
N LEU A 447 -39.40 17.34 -27.37
CA LEU A 447 -39.05 17.19 -28.78
C LEU A 447 -40.29 17.04 -29.64
N LEU A 448 -41.29 16.31 -29.13
CA LEU A 448 -42.53 16.10 -29.90
C LEU A 448 -43.16 17.43 -30.28
N ASP A 449 -43.22 18.38 -29.35
CA ASP A 449 -43.83 19.67 -29.64
C ASP A 449 -43.05 20.40 -30.74
N VAL A 450 -41.73 20.29 -30.74
CA VAL A 450 -40.92 20.98 -31.75
C VAL A 450 -41.06 20.29 -33.10
N LEU A 451 -41.12 18.96 -33.12
CA LEU A 451 -41.35 18.24 -34.37
C LEU A 451 -42.66 18.64 -35.01
N LEU A 452 -43.72 18.74 -34.21
CA LEU A 452 -45.03 19.11 -34.73
C LEU A 452 -45.05 20.52 -35.30
N GLU A 453 -44.14 21.40 -34.87
CA GLU A 453 -44.05 22.72 -35.50
C GLU A 453 -43.22 22.71 -36.76
N ASN A 454 -42.94 21.54 -37.32
CA ASN A 454 -42.27 21.42 -38.60
C ASN A 454 -43.39 20.99 -39.54
N HIS A 455 -43.81 21.93 -40.39
CA HIS A 455 -44.97 21.71 -41.23
C HIS A 455 -44.77 20.49 -42.12
N GLU A 456 -43.57 20.32 -42.67
CA GLU A 456 -43.29 19.13 -43.46
C GLU A 456 -43.51 17.86 -42.65
N ILE A 457 -43.09 17.86 -41.38
CA ILE A 457 -43.27 16.68 -40.55
C ILE A 457 -44.73 16.54 -40.15
N ALA A 458 -45.36 17.63 -39.71
CA ALA A 458 -46.75 17.57 -39.27
C ALA A 458 -47.71 17.23 -40.40
N SER A 459 -47.29 17.40 -41.66
CA SER A 459 -48.15 17.06 -42.78
C SER A 459 -48.18 15.56 -43.08
N LYS A 460 -47.22 14.80 -42.57
CA LYS A 460 -47.12 13.39 -42.90
C LYS A 460 -47.26 12.43 -41.72
N LEU A 461 -47.22 12.91 -40.49
CA LEU A 461 -47.22 12.04 -39.32
C LEU A 461 -48.12 12.65 -38.24
N ASP A 462 -49.12 11.89 -37.78
CA ASP A 462 -49.96 12.43 -36.73
C ASP A 462 -49.22 12.38 -35.38
N ARG A 463 -49.83 13.00 -34.36
CA ARG A 463 -49.18 13.05 -33.05
C ARG A 463 -49.01 11.66 -32.46
N THR A 464 -50.01 10.77 -32.66
CA THR A 464 -49.95 9.44 -32.07
C THR A 464 -48.74 8.66 -32.57
N GLU A 465 -48.49 8.67 -33.89
CA GLU A 465 -47.31 7.99 -34.42
C GLU A 465 -46.03 8.64 -33.93
N LEU A 466 -45.99 9.98 -33.90
CA LEU A 466 -44.79 10.66 -33.45
C LEU A 466 -44.57 10.48 -31.96
N GLU A 467 -45.65 10.37 -31.18
CA GLU A 467 -45.54 10.15 -29.74
C GLU A 467 -44.87 8.82 -29.44
N LYS A 468 -45.12 7.81 -30.27
CA LYS A 468 -44.47 6.51 -30.06
C LYS A 468 -42.97 6.60 -30.28
N LEU A 469 -42.54 7.36 -31.30
CA LEU A 469 -41.12 7.48 -31.58
C LEU A 469 -40.38 8.25 -30.49
N CYS A 470 -41.05 9.21 -29.85
CA CYS A 470 -40.45 10.00 -28.77
C CYS A 470 -40.51 9.31 -27.41
N ASP A 471 -41.08 8.10 -27.34
CA ASP A 471 -41.22 7.38 -26.08
C ASP A 471 -39.95 6.59 -25.80
N PRO A 472 -39.20 6.89 -24.74
CA PRO A 472 -37.93 6.17 -24.50
C PRO A 472 -38.10 4.67 -24.32
N ALA A 473 -39.26 4.21 -23.87
CA ALA A 473 -39.43 2.77 -23.62
C ALA A 473 -39.56 1.95 -24.90
N ASN A 474 -39.60 2.58 -26.07
CA ASN A 474 -39.71 1.86 -27.34
C ASN A 474 -38.38 1.73 -28.05
N TYR A 475 -37.29 2.22 -27.46
CA TYR A 475 -35.97 2.18 -28.08
C TYR A 475 -34.99 1.49 -27.14
N LEU A 476 -35.18 0.18 -26.93
CA LEU A 476 -34.31 -0.59 -26.06
C LEU A 476 -33.36 -1.52 -26.80
N GLY A 477 -33.52 -1.66 -28.11
CA GLY A 477 -32.66 -2.53 -28.88
C GLY A 477 -32.75 -3.97 -28.38
N GLN A 478 -31.66 -4.70 -28.54
CA GLN A 478 -31.59 -6.11 -28.16
C GLN A 478 -31.09 -6.34 -26.74
N CYS A 479 -31.42 -5.46 -25.79
CA CYS A 479 -30.97 -5.64 -24.42
C CYS A 479 -31.31 -7.03 -23.89
N SER A 480 -32.52 -7.50 -24.17
CA SER A 480 -32.96 -8.79 -23.63
C SER A 480 -32.16 -9.94 -24.22
N GLN A 481 -31.88 -9.89 -25.52
CA GLN A 481 -31.12 -10.95 -26.16
C GLN A 481 -29.66 -10.95 -25.71
N TRP A 482 -29.09 -9.77 -25.44
CA TRP A 482 -27.74 -9.72 -24.88
C TRP A 482 -27.72 -10.31 -23.47
N ILE A 483 -28.76 -10.06 -22.69
CA ILE A 483 -28.86 -10.67 -21.37
C ILE A 483 -28.88 -12.18 -21.51
N ASP A 484 -29.65 -12.70 -22.46
CA ASP A 484 -29.70 -14.14 -22.68
C ASP A 484 -28.31 -14.69 -23.02
N ARG A 485 -27.53 -13.93 -23.78
CA ARG A 485 -26.19 -14.38 -24.15
C ARG A 485 -25.29 -14.51 -22.92
N VAL A 486 -25.47 -13.66 -21.91
CA VAL A 486 -24.67 -13.79 -20.72
C VAL A 486 -25.21 -14.91 -19.82
N LEU A 487 -26.55 -15.07 -19.76
CA LEU A 487 -27.18 -16.10 -18.94
C LEU A 487 -27.31 -17.45 -19.64
N SER A 488 -27.99 -17.48 -20.78
CA SER A 488 -28.37 -18.74 -21.42
C SER A 488 -27.19 -19.65 -21.76
N PRO A 489 -25.99 -19.16 -22.08
CA PRO A 489 -24.79 -20.00 -22.13
C PRO A 489 -24.04 -20.00 -20.79
N THR B 51 1.57 -8.62 21.71
CA THR B 51 1.08 -8.29 20.38
C THR B 51 1.50 -9.37 19.37
N GLY B 52 1.49 -9.00 18.08
CA GLY B 52 1.81 -9.98 17.07
C GLY B 52 3.30 -10.17 16.88
N THR B 53 3.64 -11.32 16.28
CA THR B 53 5.03 -11.71 16.10
C THR B 53 5.85 -10.61 15.43
N LEU B 54 5.30 -9.97 14.40
CA LEU B 54 6.05 -9.02 13.60
C LEU B 54 5.71 -7.56 13.90
N SER B 55 4.86 -7.30 14.90
CA SER B 55 4.35 -5.94 15.10
C SER B 55 5.48 -4.96 15.43
N ASP B 56 6.55 -5.42 16.09
CA ASP B 56 7.68 -4.56 16.42
C ASP B 56 8.85 -4.72 15.47
N ILE B 57 8.68 -5.47 14.38
CA ILE B 57 9.71 -5.57 13.35
C ILE B 57 9.40 -4.66 12.17
N PHE B 58 8.13 -4.59 11.75
CA PHE B 58 7.69 -3.65 10.73
C PHE B 58 6.91 -2.48 11.31
N GLY B 59 6.92 -2.35 12.64
CA GLY B 59 6.35 -1.23 13.36
C GLY B 59 7.22 -1.00 14.58
N THR B 60 6.80 -0.05 15.43
CA THR B 60 7.49 0.19 16.69
C THR B 60 6.47 0.38 17.80
N PRO B 61 6.82 0.06 19.05
CA PRO B 61 5.87 0.28 20.16
C PRO B 61 5.34 1.70 20.23
N GLN B 62 6.23 2.69 20.13
CA GLN B 62 5.83 4.09 20.27
C GLN B 62 4.86 4.51 19.18
N MET B 63 5.14 4.14 17.92
CA MET B 63 4.26 4.55 16.82
C MET B 63 2.96 3.77 16.83
N ARG B 64 2.99 2.50 17.24
CA ARG B 64 1.75 1.75 17.38
C ARG B 64 0.84 2.39 18.43
N GLU B 65 1.42 2.89 19.52
CA GLU B 65 0.61 3.52 20.56
C GLU B 65 -0.09 4.77 20.03
N ILE B 66 0.62 5.59 19.27
CA ILE B 66 0.07 6.86 18.80
C ILE B 66 -1.17 6.62 17.95
N TRP B 67 -1.14 5.60 17.09
CA TRP B 67 -2.23 5.35 16.16
C TRP B 67 -3.20 4.29 16.65
N SER B 68 -3.02 3.79 17.88
CA SER B 68 -3.94 2.82 18.48
C SER B 68 -5.33 3.42 18.66
N ASP B 69 -6.33 2.52 18.82
CA ASP B 69 -7.69 2.95 19.14
C ASP B 69 -7.73 3.81 20.40
N GLN B 70 -6.88 3.50 21.39
CA GLN B 70 -6.95 4.19 22.67
C GLN B 70 -6.49 5.63 22.53
N ASN B 71 -5.35 5.86 21.87
CA ASN B 71 -4.87 7.23 21.68
C ASN B 71 -5.77 8.00 20.73
N ARG B 72 -6.30 7.32 19.71
CA ARG B 72 -7.22 7.98 18.79
C ARG B 72 -8.44 8.52 19.52
N VAL B 73 -9.07 7.69 20.35
CA VAL B 73 -10.24 8.11 21.12
C VAL B 73 -9.86 9.15 22.17
N ALA B 74 -8.70 8.98 22.81
CA ALA B 74 -8.21 9.99 23.74
C ALA B 74 -8.12 11.36 23.08
N CYS B 75 -7.70 11.41 21.81
CA CYS B 75 -7.69 12.67 21.08
C CYS B 75 -9.11 13.19 20.88
N TYR B 76 -10.03 12.30 20.47
CA TYR B 76 -11.44 12.68 20.33
C TYR B 76 -11.95 13.36 21.59
N LEU B 77 -11.67 12.75 22.75
CA LEU B 77 -12.20 13.25 24.01
C LEU B 77 -11.60 14.60 24.38
N GLU B 78 -10.32 14.79 24.13
CA GLU B 78 -9.71 16.10 24.38
C GLU B 78 -10.34 17.17 23.50
N ILE B 79 -10.66 16.83 22.25
CA ILE B 79 -11.30 17.80 21.37
C ILE B 79 -12.69 18.14 21.87
N GLU B 80 -13.46 17.15 22.28
CA GLU B 80 -14.80 17.42 22.80
C GLU B 80 -14.72 18.26 24.06
N ALA B 81 -13.74 17.97 24.92
CA ALA B 81 -13.50 18.77 26.12
C ALA B 81 -13.19 20.22 25.78
N ALA B 82 -12.22 20.43 24.89
CA ALA B 82 -11.84 21.79 24.52
C ALA B 82 -13.01 22.53 23.87
N LEU B 83 -13.82 21.80 23.08
CA LEU B 83 -14.99 22.42 22.46
C LEU B 83 -16.00 22.86 23.51
N ALA B 84 -16.25 22.01 24.52
CA ALA B 84 -17.19 22.38 25.58
C ALA B 84 -16.71 23.61 26.35
N ILE B 85 -15.41 23.65 26.69
CA ILE B 85 -14.87 24.80 27.42
C ILE B 85 -15.01 26.07 26.59
N VAL B 86 -14.61 26.01 25.32
CA VAL B 86 -14.69 27.17 24.43
C VAL B 86 -16.12 27.68 24.33
N GLN B 87 -17.08 26.78 24.15
CA GLN B 87 -18.45 27.22 23.91
C GLN B 87 -19.12 27.71 25.18
N ALA B 88 -18.70 27.22 26.36
CA ALA B 88 -19.16 27.81 27.61
C ALA B 88 -18.66 29.23 27.76
N ASP B 89 -17.38 29.46 27.44
CA ASP B 89 -16.81 30.80 27.52
C ASP B 89 -17.51 31.76 26.59
N LEU B 90 -17.92 31.29 25.42
CA LEU B 90 -18.65 32.09 24.46
C LEU B 90 -20.13 32.24 24.81
N GLY B 91 -20.60 31.55 25.84
CA GLY B 91 -22.01 31.61 26.17
C GLY B 91 -22.89 30.75 25.29
N ILE B 92 -22.31 29.82 24.55
CA ILE B 92 -23.10 28.98 23.64
C ILE B 92 -23.76 27.83 24.39
N ILE B 93 -23.05 27.23 25.33
CA ILE B 93 -23.64 26.18 26.17
C ILE B 93 -23.46 26.60 27.62
N PRO B 94 -24.29 26.05 28.52
CA PRO B 94 -24.21 26.44 29.94
C PRO B 94 -22.92 25.96 30.58
N LYS B 95 -22.51 26.68 31.62
CA LYS B 95 -21.25 26.39 32.28
C LYS B 95 -21.24 25.07 33.10
N ASN B 96 -22.39 24.54 33.60
CA ASN B 96 -22.27 23.23 34.29
C ASN B 96 -21.80 22.20 33.32
N ALA B 97 -22.41 22.30 32.16
CA ALA B 97 -22.36 21.27 31.17
C ALA B 97 -20.93 21.07 30.70
N ALA B 98 -20.25 22.17 30.41
CA ALA B 98 -18.84 22.11 30.10
C ALA B 98 -18.08 21.40 31.23
N HIS B 99 -18.35 21.79 32.48
CA HIS B 99 -17.65 21.17 33.60
C HIS B 99 -17.95 19.67 33.69
N GLU B 100 -19.21 19.30 33.49
CA GLU B 100 -19.58 17.89 33.57
C GLU B 100 -19.07 17.10 32.37
N ILE B 101 -19.10 17.72 31.18
CA ILE B 101 -18.59 17.04 29.99
C ILE B 101 -17.09 16.81 30.11
N VAL B 102 -16.35 17.85 30.52
CA VAL B 102 -14.90 17.73 30.63
C VAL B 102 -14.53 16.63 31.63
N GLU B 103 -15.26 16.56 32.74
CA GLU B 103 -14.95 15.56 33.77
C GLU B 103 -15.09 14.14 33.24
N HIS B 104 -15.92 13.94 32.23
CA HIS B 104 -16.13 12.61 31.65
C HIS B 104 -15.42 12.41 30.32
N CYS B 105 -14.50 13.32 29.96
CA CYS B 105 -13.70 13.14 28.75
C CYS B 105 -12.42 12.37 29.11
N ARG B 106 -12.64 11.11 29.49
CA ARG B 106 -11.59 10.21 29.94
C ARG B 106 -11.73 8.89 29.19
N VAL B 107 -10.63 8.44 28.57
CA VAL B 107 -10.67 7.26 27.73
C VAL B 107 -10.92 6.00 28.56
N GLN B 108 -10.66 6.05 29.88
CA GLN B 108 -10.85 4.88 30.74
C GLN B 108 -12.31 4.50 30.91
N GLU B 109 -13.25 5.39 30.62
CA GLU B 109 -14.67 5.10 30.80
C GLU B 109 -15.32 4.52 29.56
N ILE B 110 -14.55 4.28 28.51
CA ILE B 110 -15.12 3.85 27.23
C ILE B 110 -15.33 2.35 27.24
N ASP B 111 -16.49 1.92 26.72
CA ASP B 111 -16.79 0.50 26.53
C ASP B 111 -16.38 0.15 25.10
N TRP B 112 -15.22 -0.49 24.96
CA TRP B 112 -14.63 -0.70 23.64
C TRP B 112 -15.45 -1.65 22.78
N ALA B 113 -16.00 -2.72 23.37
CA ALA B 113 -16.78 -3.67 22.60
C ALA B 113 -18.06 -3.04 22.06
N LEU B 114 -18.75 -2.26 22.89
CA LEU B 114 -19.92 -1.53 22.42
C LEU B 114 -19.55 -0.52 21.35
N TYR B 115 -18.44 0.21 21.56
CA TYR B 115 -17.97 1.18 20.58
C TYR B 115 -17.70 0.52 19.22
N LYS B 116 -17.03 -0.62 19.22
CA LYS B 116 -16.84 -1.36 17.97
C LYS B 116 -18.17 -1.70 17.33
N GLN B 117 -19.11 -2.22 18.11
CA GLN B 117 -20.41 -2.57 17.54
C GLN B 117 -21.08 -1.36 16.92
N LYS B 118 -21.17 -0.27 17.68
CA LYS B 118 -21.85 0.93 17.18
C LYS B 118 -21.18 1.47 15.92
N THR B 119 -19.84 1.46 15.89
CA THR B 119 -19.11 1.96 14.73
C THR B 119 -19.38 1.14 13.47
N GLU B 120 -19.32 -0.19 13.57
CA GLU B 120 -19.62 -1.02 12.42
C GLU B 120 -21.01 -0.77 11.91
N LEU B 121 -21.81 -0.20 12.76
CA LEU B 121 -23.22 -0.21 12.48
C LEU B 121 -23.78 1.19 12.26
N ILE B 122 -23.07 2.19 12.76
CA ILE B 122 -23.19 3.56 12.26
C ILE B 122 -22.43 3.74 10.95
N GLY B 123 -21.21 3.19 10.86
CA GLY B 123 -20.36 3.27 9.69
C GLY B 123 -19.18 4.23 9.79
N TYR B 124 -19.14 5.06 10.82
CA TYR B 124 -18.11 6.07 11.02
C TYR B 124 -17.74 6.06 12.48
N PRO B 125 -16.55 6.49 12.87
CA PRO B 125 -15.97 6.11 14.16
C PRO B 125 -16.13 7.10 15.33
N VAL B 126 -16.92 8.15 15.24
CA VAL B 126 -16.98 9.16 16.29
C VAL B 126 -18.26 9.07 17.12
N LEU B 127 -19.43 8.98 16.46
CA LEU B 127 -20.69 9.09 17.19
C LEU B 127 -20.87 7.99 18.22
N GLY B 128 -20.17 6.86 18.08
CA GLY B 128 -20.17 5.86 19.12
C GLY B 128 -19.54 6.36 20.41
N ILE B 129 -18.57 7.28 20.29
CA ILE B 129 -17.95 7.85 21.48
C ILE B 129 -18.83 8.95 22.07
N VAL B 130 -19.44 9.79 21.22
CA VAL B 130 -20.37 10.80 21.71
C VAL B 130 -21.53 10.15 22.46
N GLN B 131 -21.95 8.96 22.03
CA GLN B 131 -23.06 8.28 22.69
C GLN B 131 -22.69 7.90 24.12
N GLN B 132 -21.48 7.39 24.34
CA GLN B 132 -21.08 7.03 25.70
C GLN B 132 -20.82 8.26 26.55
N LEU B 133 -20.36 9.35 25.93
CA LEU B 133 -20.12 10.59 26.68
C LEU B 133 -21.43 11.14 27.23
N VAL B 134 -22.47 11.19 26.40
CA VAL B 134 -23.78 11.66 26.86
C VAL B 134 -24.31 10.78 27.97
N ALA B 135 -24.09 9.46 27.88
CA ALA B 135 -24.65 8.55 28.87
C ALA B 135 -23.91 8.64 30.20
N ASN B 136 -22.64 9.03 30.19
CA ASN B 136 -21.86 9.10 31.41
C ASN B 136 -22.03 10.42 32.15
N CYS B 137 -22.59 11.43 31.50
CA CYS B 137 -22.84 12.71 32.16
C CYS B 137 -24.17 12.66 32.91
N LYS B 138 -24.20 13.35 34.06
CA LYS B 138 -25.40 13.42 34.87
C LYS B 138 -26.27 14.60 34.44
N ASP B 139 -27.53 14.56 34.89
CA ASP B 139 -28.46 15.69 34.78
C ASP B 139 -28.73 16.09 33.33
N GLY B 140 -28.65 15.12 32.41
CA GLY B 140 -28.84 15.41 30.99
C GLY B 140 -27.87 16.44 30.44
N LEU B 141 -26.79 16.70 31.18
CA LEU B 141 -25.82 17.71 30.76
C LEU B 141 -24.99 17.27 29.56
N GLY B 142 -24.98 15.98 29.25
CA GLY B 142 -24.21 15.49 28.13
C GLY B 142 -24.75 15.90 26.77
N GLU B 143 -25.99 16.38 26.71
CA GLU B 143 -26.56 16.79 25.42
C GLU B 143 -25.92 18.05 24.87
N TYR B 144 -25.01 18.70 25.60
CA TYR B 144 -24.33 19.89 25.12
C TYR B 144 -22.95 19.61 24.54
N CYS B 145 -22.51 18.35 24.56
CA CYS B 145 -21.23 18.01 23.94
C CYS B 145 -21.42 17.86 22.43
N HIS B 146 -20.30 17.89 21.70
CA HIS B 146 -20.32 17.73 20.24
C HIS B 146 -21.20 18.79 19.59
N TRP B 147 -21.29 19.96 20.20
CA TRP B 147 -22.30 20.96 19.82
C TRP B 147 -21.86 21.67 18.55
N GLY B 148 -22.57 21.42 17.46
CA GLY B 148 -22.22 21.99 16.16
C GLY B 148 -21.15 21.25 15.40
N ALA B 149 -20.60 20.16 15.95
CA ALA B 149 -19.56 19.40 15.30
C ALA B 149 -20.14 18.32 14.37
N THR B 150 -19.36 17.95 13.37
CA THR B 150 -19.60 16.73 12.61
C THR B 150 -18.46 15.76 12.91
N THR B 151 -18.66 14.47 12.60
CA THR B 151 -17.66 13.50 13.01
C THR B 151 -16.31 13.75 12.35
N GLN B 152 -16.28 14.24 11.11
CA GLN B 152 -14.99 14.47 10.46
C GLN B 152 -14.22 15.66 11.03
N ASP B 153 -14.90 16.61 11.69
CA ASP B 153 -14.16 17.60 12.47
C ASP B 153 -13.30 16.90 13.52
N ILE B 154 -13.88 15.91 14.18
CA ILE B 154 -13.17 15.20 15.25
C ILE B 154 -12.10 14.28 14.67
N THR B 155 -12.40 13.56 13.58
CA THR B 155 -11.41 12.64 13.04
C THR B 155 -10.25 13.39 12.38
N ASP B 156 -10.54 14.43 11.61
CA ASP B 156 -9.46 15.19 10.99
C ASP B 156 -8.56 15.82 12.05
N THR B 157 -9.16 16.44 13.07
CA THR B 157 -8.35 17.13 14.08
C THR B 157 -7.57 16.14 14.93
N ALA B 158 -8.19 15.00 15.27
CA ALA B 158 -7.45 13.96 15.97
C ALA B 158 -6.28 13.45 15.14
N THR B 159 -6.51 13.22 13.84
CA THR B 159 -5.41 12.81 12.95
C THR B 159 -4.29 13.85 12.95
N VAL B 160 -4.63 15.14 12.93
CA VAL B 160 -3.61 16.18 13.05
C VAL B 160 -2.82 16.00 14.33
N MET B 161 -3.52 15.76 15.44
CA MET B 161 -2.84 15.62 16.73
C MET B 161 -1.92 14.41 16.72
N GLN B 162 -2.39 13.30 16.14
CA GLN B 162 -1.56 12.09 16.05
C GLN B 162 -0.37 12.29 15.13
N ILE B 163 -0.54 13.08 14.06
CA ILE B 163 0.58 13.38 13.18
C ILE B 163 1.64 14.19 13.93
N ARG B 164 1.22 15.18 14.72
CA ARG B 164 2.18 15.96 15.50
C ARG B 164 2.95 15.07 16.47
N GLN B 165 2.25 14.16 17.15
CA GLN B 165 2.94 13.20 18.00
C GLN B 165 3.89 12.32 17.19
N SER B 166 3.46 11.87 16.00
CA SER B 166 4.31 11.03 15.16
C SER B 166 5.56 11.77 14.70
N LEU B 167 5.40 13.03 14.26
CA LEU B 167 6.54 13.78 13.76
C LEU B 167 7.50 14.18 14.87
N THR B 168 7.03 14.24 16.12
CA THR B 168 7.95 14.38 17.25
C THR B 168 8.93 13.21 17.30
N LEU B 169 8.43 11.98 17.14
CA LEU B 169 9.32 10.82 17.09
C LEU B 169 10.23 10.89 15.88
N VAL B 170 9.68 11.27 14.72
CA VAL B 170 10.50 11.34 13.51
C VAL B 170 11.62 12.37 13.67
N LYS B 171 11.30 13.54 14.22
CA LYS B 171 12.32 14.57 14.45
C LYS B 171 13.42 14.05 15.38
N GLN B 172 13.05 13.30 16.41
CA GLN B 172 14.07 12.75 17.31
C GLN B 172 14.97 11.76 16.59
N ARG B 173 14.38 10.82 15.83
CA ARG B 173 15.18 9.88 15.05
C ARG B 173 16.08 10.61 14.04
N LEU B 174 15.54 11.62 13.37
CA LEU B 174 16.33 12.38 12.40
C LEU B 174 17.49 13.10 13.09
N ASP B 175 17.23 13.69 14.26
CA ASP B 175 18.30 14.34 15.00
C ASP B 175 19.40 13.34 15.36
N SER B 176 19.02 12.14 15.77
CA SER B 176 19.99 11.11 16.13
C SER B 176 20.75 10.62 14.90
N ILE B 177 20.05 10.43 13.78
CA ILE B 177 20.72 10.01 12.55
C ILE B 177 21.70 11.07 12.07
N VAL B 178 21.29 12.34 12.09
CA VAL B 178 22.20 13.41 11.68
C VAL B 178 23.42 13.46 12.59
N SER B 179 23.22 13.25 13.89
CA SER B 179 24.35 13.24 14.82
C SER B 179 25.31 12.11 14.51
N SER B 180 24.79 10.91 14.23
CA SER B 180 25.66 9.79 13.86
C SER B 180 26.45 10.09 12.59
N LEU B 181 25.80 10.69 11.58
CA LEU B 181 26.47 10.95 10.32
C LEU B 181 27.52 12.05 10.45
N GLU B 182 27.27 13.06 11.29
CA GLU B 182 28.29 14.06 11.56
C GLU B 182 29.54 13.41 12.17
N HIS B 183 29.34 12.47 13.09
CA HIS B 183 30.48 11.79 13.71
C HIS B 183 31.21 10.90 12.71
N LEU B 184 30.46 10.16 11.88
CA LEU B 184 31.09 9.25 10.94
C LEU B 184 31.85 10.02 9.85
N ALA B 185 31.29 11.12 9.36
CA ALA B 185 31.98 11.91 8.34
C ALA B 185 33.32 12.43 8.87
N GLU B 186 33.38 12.78 10.16
CA GLU B 186 34.62 13.27 10.75
C GLU B 186 35.59 12.13 11.06
N GLN B 187 35.08 11.07 11.70
CA GLN B 187 35.93 9.95 12.10
C GLN B 187 36.62 9.34 10.88
N HIS B 188 35.88 9.12 9.80
CA HIS B 188 36.40 8.47 8.60
C HIS B 188 36.69 9.45 7.48
N ARG B 189 36.97 10.71 7.84
CA ARG B 189 37.21 11.76 6.86
C ARG B 189 38.29 11.37 5.85
N ASN B 190 39.32 10.64 6.28
CA ASN B 190 40.46 10.36 5.43
C ASN B 190 40.60 8.88 5.05
N VAL B 191 39.59 8.06 5.30
CA VAL B 191 39.66 6.63 4.97
C VAL B 191 39.38 6.42 3.49
N PRO B 192 40.36 6.01 2.69
CA PRO B 192 40.14 5.88 1.25
C PRO B 192 39.33 4.65 0.89
N MET B 193 38.57 4.76 -0.19
CA MET B 193 37.77 3.64 -0.69
C MET B 193 37.45 3.91 -2.16
N ALA B 194 37.00 2.85 -2.84
CA ALA B 194 36.57 2.98 -4.24
C ALA B 194 35.15 3.51 -4.31
N ALA B 195 34.96 4.61 -5.05
CA ALA B 195 33.62 4.97 -5.48
C ALA B 195 33.16 4.02 -6.57
N ARG B 196 31.84 3.91 -6.72
CA ARG B 196 31.28 2.94 -7.64
C ARG B 196 30.18 3.56 -8.49
N SER B 197 30.30 3.38 -9.80
CA SER B 197 29.35 3.88 -10.79
C SER B 197 28.86 2.69 -11.59
N ASN B 198 27.55 2.47 -11.63
CA ASN B 198 26.96 1.30 -12.29
C ASN B 198 27.53 0.01 -11.70
N LEU B 199 27.75 0.02 -10.38
CA LEU B 199 28.32 -1.09 -9.62
C LEU B 199 29.72 -1.49 -10.10
N LYS B 200 30.42 -0.58 -10.80
CA LYS B 200 31.80 -0.77 -11.17
C LYS B 200 32.64 0.32 -10.52
N GLN B 201 33.86 -0.05 -10.13
CA GLN B 201 34.74 0.92 -9.48
C GLN B 201 35.05 2.08 -10.42
N ALA B 202 35.02 3.30 -9.88
CA ALA B 202 35.19 4.50 -10.67
C ALA B 202 36.53 5.13 -10.30
N VAL B 203 36.58 6.00 -9.30
CA VAL B 203 37.83 6.58 -8.81
C VAL B 203 37.74 6.58 -7.29
N PRO B 204 38.84 6.82 -6.56
CA PRO B 204 38.76 6.77 -5.10
C PRO B 204 38.05 7.97 -4.50
N ILE B 205 37.40 7.73 -3.36
CA ILE B 205 36.84 8.74 -2.48
C ILE B 205 37.16 8.30 -1.06
N THR B 206 36.63 9.03 -0.08
CA THR B 206 36.74 8.61 1.32
C THR B 206 35.37 8.22 1.86
N PHE B 207 35.37 7.31 2.84
CA PHE B 207 34.11 6.90 3.46
C PHE B 207 33.42 8.07 4.14
N GLY B 208 34.19 8.99 4.72
CA GLY B 208 33.59 10.18 5.30
C GLY B 208 32.86 11.03 4.28
N PHE B 209 33.42 11.14 3.08
CA PHE B 209 32.74 11.82 1.96
C PHE B 209 31.40 11.15 1.66
N LYS B 210 31.40 9.83 1.62
CA LYS B 210 30.16 9.09 1.40
C LYS B 210 29.13 9.43 2.47
N MET B 211 29.55 9.50 3.73
CA MET B 211 28.61 9.79 4.81
C MET B 211 28.15 11.24 4.78
N ALA B 212 29.02 12.17 4.42
CA ALA B 212 28.61 13.56 4.32
C ALA B 212 27.51 13.76 3.27
N ARG B 213 27.46 12.88 2.26
CA ARG B 213 26.43 13.02 1.25
C ARG B 213 25.06 12.60 1.79
N PHE B 214 25.02 11.54 2.61
CA PHE B 214 23.79 11.21 3.32
C PHE B 214 23.41 12.32 4.29
N LEU B 215 24.39 12.85 5.04
CA LEU B 215 24.12 13.89 6.02
C LEU B 215 23.44 15.09 5.37
N ALA B 216 23.98 15.57 4.24
CA ALA B 216 23.37 16.70 3.55
C ALA B 216 21.93 16.38 3.14
N THR B 217 21.66 15.14 2.75
CA THR B 217 20.32 14.77 2.32
C THR B 217 19.33 14.80 3.49
N PHE B 218 19.71 14.22 4.63
CA PHE B 218 18.81 14.20 5.78
C PHE B 218 18.54 15.61 6.30
N ARG B 219 19.52 16.51 6.18
CA ARG B 219 19.28 17.90 6.55
C ARG B 219 18.20 18.53 5.66
N ARG B 220 18.19 18.18 4.37
CA ARG B 220 17.14 18.68 3.50
C ARG B 220 15.79 18.10 3.91
N HIS B 221 15.76 16.83 4.32
CA HIS B 221 14.52 16.25 4.82
C HIS B 221 14.04 16.96 6.08
N GLN B 222 14.99 17.37 6.94
CA GLN B 222 14.60 18.11 8.13
C GLN B 222 13.94 19.43 7.77
N GLN B 223 14.47 20.13 6.76
CA GLN B 223 13.86 21.37 6.30
C GLN B 223 12.45 21.12 5.76
N ARG B 224 12.28 20.05 4.96
CA ARG B 224 10.96 19.74 4.43
C ARG B 224 9.96 19.49 5.56
N LEU B 225 10.38 18.78 6.61
CA LEU B 225 9.50 18.49 7.72
C LEU B 225 9.02 19.78 8.39
N VAL B 226 9.96 20.67 8.74
CA VAL B 226 9.58 21.92 9.42
C VAL B 226 8.62 22.72 8.56
N GLU B 227 8.84 22.75 7.25
CA GLU B 227 8.00 23.56 6.36
C GLU B 227 6.57 23.04 6.32
N LEU B 228 6.38 21.71 6.26
CA LEU B 228 5.01 21.21 6.18
C LEU B 228 4.27 21.32 7.50
N GLU B 229 4.99 21.40 8.63
CA GLU B 229 4.34 21.44 9.93
C GLU B 229 3.39 22.63 10.06
N LYS B 230 3.78 23.79 9.50
CA LYS B 230 2.91 24.96 9.65
C LYS B 230 1.61 24.80 8.88
N ARG B 231 1.59 23.98 7.83
CA ARG B 231 0.31 23.73 7.16
C ARG B 231 -0.47 22.61 7.85
N VAL B 232 0.22 21.57 8.31
CA VAL B 232 -0.46 20.38 8.78
C VAL B 232 -1.08 20.60 10.16
N TYR B 233 -0.43 21.39 11.03
CA TYR B 233 -0.92 21.58 12.40
C TYR B 233 -2.03 22.62 12.41
N THR B 234 -3.19 22.21 11.88
CA THR B 234 -4.32 23.09 11.64
C THR B 234 -5.60 22.43 12.12
N LEU B 235 -6.46 23.21 12.77
CA LEU B 235 -7.73 22.70 13.24
C LEU B 235 -8.66 22.41 12.06
N GLU B 236 -9.47 21.36 12.21
CA GLU B 236 -10.61 21.13 11.33
C GLU B 236 -11.86 21.22 12.17
N PHE B 237 -12.66 22.27 11.95
CA PHE B 237 -13.92 22.42 12.64
C PHE B 237 -14.85 23.20 11.72
N GLY B 238 -15.72 22.48 11.01
CA GLY B 238 -16.58 23.11 10.03
C GLY B 238 -17.99 22.58 9.99
N GLY B 239 -18.27 21.53 10.73
CA GLY B 239 -19.62 20.99 10.74
C GLY B 239 -19.93 20.22 9.48
N ALA B 240 -21.24 19.95 9.30
CA ALA B 240 -21.68 18.98 8.29
C ALA B 240 -21.17 19.34 6.90
N ALA B 241 -21.27 20.62 6.52
CA ALA B 241 -20.91 21.03 5.16
C ALA B 241 -19.78 22.05 5.15
N GLY B 242 -19.13 22.30 6.29
CA GLY B 242 -18.03 23.23 6.37
C GLY B 242 -18.39 24.61 6.87
N ASN B 243 -19.67 25.00 6.85
CA ASN B 243 -20.05 26.36 7.21
C ASN B 243 -20.61 26.48 8.62
N LEU B 244 -20.61 25.40 9.40
CA LEU B 244 -21.06 25.43 10.80
C LEU B 244 -22.42 26.12 10.92
N SER B 245 -23.36 25.73 10.06
CA SER B 245 -24.63 26.44 9.97
C SER B 245 -25.39 26.41 11.29
N SER B 246 -25.31 25.28 12.01
CA SER B 246 -26.05 25.16 13.26
C SER B 246 -25.54 26.10 14.35
N LEU B 247 -24.36 26.70 14.17
CA LEU B 247 -23.81 27.64 15.15
C LEU B 247 -24.06 29.10 14.80
N GLY B 248 -24.66 29.38 13.64
CA GLY B 248 -24.99 30.75 13.27
C GLY B 248 -23.80 31.66 13.32
N ASP B 249 -23.99 32.86 13.90
CA ASP B 249 -22.92 33.85 13.92
C ASP B 249 -21.84 33.54 14.96
N GLN B 250 -21.86 32.35 15.55
CA GLN B 250 -20.83 31.92 16.47
C GLN B 250 -19.91 30.85 15.89
N GLY B 251 -20.09 30.50 14.61
CA GLY B 251 -19.32 29.44 14.01
C GLY B 251 -17.83 29.75 13.93
N ILE B 252 -17.48 30.88 13.31
CA ILE B 252 -16.08 31.25 13.20
C ILE B 252 -15.48 31.52 14.57
N ALA B 253 -16.24 32.17 15.46
CA ALA B 253 -15.74 32.45 16.80
C ALA B 253 -15.40 31.15 17.52
N THR B 254 -16.29 30.15 17.43
CA THR B 254 -15.99 28.85 18.03
C THR B 254 -14.75 28.22 17.41
N HIS B 255 -14.64 28.26 16.07
CA HIS B 255 -13.49 27.67 15.38
C HIS B 255 -12.18 28.26 15.88
N ASP B 256 -12.06 29.58 15.88
CA ASP B 256 -10.80 30.23 16.25
C ASP B 256 -10.45 29.97 17.71
N ALA B 257 -11.46 30.00 18.60
CA ALA B 257 -11.18 29.73 20.00
C ALA B 257 -10.75 28.29 20.22
N LEU B 258 -11.37 27.35 19.50
CA LEU B 258 -11.00 25.93 19.64
C LEU B 258 -9.58 25.69 19.17
N ALA B 259 -9.18 26.31 18.06
CA ALA B 259 -7.82 26.16 17.56
C ALA B 259 -6.79 26.60 18.60
N LYS B 260 -6.99 27.78 19.19
CA LYS B 260 -6.10 28.24 20.26
C LYS B 260 -6.06 27.26 21.43
N MET B 261 -7.20 26.71 21.83
CA MET B 261 -7.22 25.78 22.95
C MET B 261 -6.38 24.53 22.66
N LEU B 262 -6.37 24.08 21.40
CA LEU B 262 -5.65 22.88 21.03
C LEU B 262 -4.24 23.16 20.52
N ASP B 263 -3.80 24.42 20.56
CA ASP B 263 -2.47 24.80 20.06
C ASP B 263 -2.33 24.44 18.57
N LEU B 264 -3.37 24.74 17.79
CA LEU B 264 -3.38 24.49 16.36
C LEU B 264 -3.70 25.78 15.62
N ALA B 265 -3.23 25.86 14.37
CA ALA B 265 -3.54 27.03 13.57
C ALA B 265 -5.02 27.03 13.19
N PRO B 266 -5.67 28.19 13.20
CA PRO B 266 -7.04 28.25 12.66
C PRO B 266 -7.01 28.01 11.16
N ALA B 267 -8.04 27.36 10.66
CA ALA B 267 -8.13 27.09 9.24
C ALA B 267 -8.60 28.33 8.50
N GLU B 268 -8.10 28.50 7.27
CA GLU B 268 -8.67 29.53 6.40
C GLU B 268 -10.12 29.19 6.10
N ILE B 269 -10.39 27.95 5.71
CA ILE B 269 -11.74 27.47 5.42
C ILE B 269 -11.78 25.96 5.67
N ALA B 270 -12.96 25.35 5.62
CA ALA B 270 -13.09 23.90 5.82
C ALA B 270 -12.25 23.12 4.82
N TRP B 271 -11.78 21.95 5.24
CA TRP B 271 -10.94 21.14 4.35
C TRP B 271 -11.29 19.65 4.45
N HIS B 272 -12.58 19.33 4.59
CA HIS B 272 -13.01 17.93 4.77
C HIS B 272 -12.74 17.06 3.55
N THR B 273 -12.77 17.64 2.34
CA THR B 273 -12.46 16.90 1.12
C THR B 273 -11.22 17.46 0.44
N GLU B 274 -10.48 18.31 1.15
CA GLU B 274 -9.26 18.95 0.65
C GLU B 274 -8.11 18.31 1.43
N HIS B 275 -7.59 17.20 0.90
CA HIS B 275 -6.72 16.31 1.65
C HIS B 275 -5.24 16.59 1.43
N ASP B 276 -4.88 17.81 0.99
CA ASP B 276 -3.49 18.06 0.66
C ASP B 276 -2.60 18.03 1.89
N ARG B 277 -3.12 18.42 3.06
CA ARG B 277 -2.30 18.38 4.27
C ARG B 277 -1.91 16.96 4.64
N PHE B 278 -2.88 16.04 4.63
CA PHE B 278 -2.57 14.65 4.93
C PHE B 278 -1.74 14.00 3.82
N ALA B 279 -2.08 14.28 2.55
CA ALA B 279 -1.34 13.68 1.44
C ALA B 279 0.11 14.15 1.45
N GLU B 280 0.34 15.40 1.82
CA GLU B 280 1.68 15.95 1.87
C GLU B 280 2.51 15.30 2.97
N VAL B 281 1.88 14.94 4.09
CA VAL B 281 2.57 14.14 5.10
C VAL B 281 3.02 12.81 4.50
N GLY B 282 2.15 12.19 3.71
CA GLY B 282 2.49 10.92 3.08
C GLY B 282 3.60 11.02 2.06
N THR B 283 3.59 12.06 1.22
CA THR B 283 4.68 12.17 0.25
C THR B 283 6.01 12.49 0.94
N PHE B 284 5.98 13.25 2.03
CA PHE B 284 7.20 13.45 2.80
C PHE B 284 7.72 12.12 3.35
N LEU B 285 6.83 11.26 3.86
CA LEU B 285 7.26 9.94 4.32
C LEU B 285 7.88 9.15 3.18
N GLY B 286 7.31 9.27 1.97
CA GLY B 286 7.90 8.63 0.80
C GLY B 286 9.30 9.13 0.50
N LEU B 287 9.50 10.45 0.53
CA LEU B 287 10.82 11.02 0.26
C LEU B 287 11.84 10.58 1.30
N LEU B 288 11.45 10.64 2.58
CA LEU B 288 12.38 10.28 3.65
C LEU B 288 12.77 8.80 3.59
N THR B 289 11.80 7.91 3.44
CA THR B 289 12.13 6.49 3.33
C THR B 289 12.84 6.17 2.02
N GLY B 290 12.67 7.00 0.99
CA GLY B 290 13.51 6.86 -0.19
C GLY B 290 14.98 6.95 0.14
N THR B 291 15.36 7.96 0.92
CA THR B 291 16.75 8.10 1.35
C THR B 291 17.16 6.98 2.29
N LEU B 292 16.27 6.59 3.21
CA LEU B 292 16.55 5.43 4.06
C LEU B 292 16.80 4.18 3.22
N ALA B 293 16.05 4.02 2.13
CA ALA B 293 16.25 2.83 1.30
C ALA B 293 17.58 2.89 0.55
N LYS B 294 18.03 4.08 0.15
CA LYS B 294 19.36 4.17 -0.44
C LYS B 294 20.44 3.78 0.56
N LEU B 295 20.32 4.28 1.80
CA LEU B 295 21.28 3.92 2.85
C LEU B 295 21.32 2.42 3.05
N ALA B 296 20.16 1.77 3.12
CA ALA B 296 20.10 0.33 3.28
C ALA B 296 20.72 -0.38 2.09
N THR B 297 20.51 0.14 0.88
CA THR B 297 21.09 -0.47 -0.31
C THR B 297 22.61 -0.41 -0.26
N ASP B 298 23.16 0.75 0.04
CA ASP B 298 24.62 0.91 0.01
C ASP B 298 25.27 0.11 1.12
N ILE B 299 24.63 0.03 2.29
CA ILE B 299 25.21 -0.74 3.39
C ILE B 299 25.15 -2.23 3.09
N LYS B 300 24.04 -2.72 2.52
CA LYS B 300 23.98 -4.14 2.19
C LYS B 300 24.91 -4.49 1.03
N LEU B 301 25.15 -3.55 0.10
CA LEU B 301 26.15 -3.80 -0.94
C LEU B 301 27.55 -3.84 -0.36
N MET B 302 27.84 -2.96 0.61
CA MET B 302 29.15 -2.97 1.24
C MET B 302 29.32 -4.13 2.22
N SER B 303 28.26 -4.86 2.54
CA SER B 303 28.33 -6.02 3.43
C SER B 303 28.36 -7.34 2.69
N GLN B 304 28.40 -7.34 1.35
CA GLN B 304 28.60 -8.57 0.61
C GLN B 304 29.89 -9.26 1.02
N THR B 305 29.88 -10.60 0.97
CA THR B 305 31.08 -11.37 1.30
C THR B 305 32.28 -10.90 0.48
N GLU B 306 32.05 -10.59 -0.80
CA GLU B 306 33.12 -10.21 -1.72
C GLU B 306 33.57 -8.76 -1.55
N VAL B 307 32.90 -7.97 -0.71
CA VAL B 307 33.26 -6.56 -0.54
C VAL B 307 33.74 -6.32 0.88
N GLY B 308 32.88 -6.59 1.86
CA GLY B 308 33.28 -6.60 3.27
C GLY B 308 33.74 -5.28 3.83
N GLU B 309 33.20 -4.16 3.35
CA GLU B 309 33.71 -2.86 3.76
C GLU B 309 33.03 -2.29 5.00
N VAL B 310 31.80 -2.72 5.31
CA VAL B 310 31.10 -2.32 6.52
C VAL B 310 30.36 -3.53 7.08
N GLY B 311 29.89 -3.38 8.32
CA GLY B 311 29.04 -4.38 8.93
C GLY B 311 28.00 -3.75 9.84
N GLU B 312 26.79 -4.30 9.86
CA GLU B 312 25.78 -3.82 10.80
C GLU B 312 26.23 -4.09 12.23
N PRO B 313 25.72 -3.31 13.20
CA PRO B 313 26.11 -3.55 14.59
C PRO B 313 25.53 -4.86 15.11
N ASN B 329 24.13 -11.20 8.54
CA ASN B 329 23.08 -10.79 7.62
C ASN B 329 22.62 -9.38 7.91
N PRO B 330 22.50 -8.55 6.86
CA PRO B 330 22.06 -7.15 7.04
C PRO B 330 20.55 -7.03 7.28
N ILE B 331 20.10 -7.48 8.46
CA ILE B 331 18.65 -7.59 8.72
C ILE B 331 18.01 -6.22 8.82
N SER B 332 18.70 -5.25 9.42
CA SER B 332 18.13 -3.90 9.50
C SER B 332 17.94 -3.33 8.10
N CYS B 333 18.89 -3.59 7.20
CA CYS B 333 18.76 -3.12 5.83
C CYS B 333 17.58 -3.81 5.14
N VAL B 334 17.37 -5.08 5.48
CA VAL B 334 16.26 -5.84 4.92
C VAL B 334 14.93 -5.20 5.31
N TYR B 335 14.78 -4.84 6.59
CA TYR B 335 13.53 -4.26 7.05
C TYR B 335 13.32 -2.86 6.45
N ILE B 336 14.39 -2.08 6.35
CA ILE B 336 14.28 -0.74 5.77
C ILE B 336 13.77 -0.83 4.34
N HIS B 337 14.36 -1.74 3.55
CA HIS B 337 13.95 -1.89 2.16
C HIS B 337 12.47 -2.19 2.03
N ALA B 338 11.98 -3.17 2.79
CA ALA B 338 10.56 -3.54 2.68
C ALA B 338 9.67 -2.41 3.19
N CYS B 339 10.08 -1.73 4.25
CA CYS B 339 9.29 -0.62 4.78
C CYS B 339 9.19 0.51 3.77
N ALA B 340 10.31 0.87 3.15
CA ALA B 340 10.29 1.95 2.16
C ALA B 340 9.43 1.59 0.95
N ALA B 341 9.51 0.35 0.49
CA ALA B 341 8.68 -0.09 -0.63
C ALA B 341 7.20 0.06 -0.32
N ASN B 342 6.79 -0.29 0.90
CA ASN B 342 5.38 -0.17 1.27
C ASN B 342 4.97 1.30 1.41
N VAL B 343 5.86 2.14 1.89
CA VAL B 343 5.52 3.55 2.10
C VAL B 343 5.31 4.28 0.77
N ARG B 344 6.15 3.99 -0.24
CA ARG B 344 6.03 4.69 -1.51
C ARG B 344 4.70 4.39 -2.21
N GLN B 345 4.21 3.15 -2.12
CA GLN B 345 2.91 2.85 -2.72
C GLN B 345 1.78 3.46 -1.90
N GLY B 346 1.94 3.49 -0.58
CA GLY B 346 0.95 4.19 0.24
C GLY B 346 0.86 5.66 -0.09
N ALA B 347 1.97 6.28 -0.46
CA ALA B 347 1.93 7.68 -0.89
C ALA B 347 1.07 7.85 -2.13
N ALA B 348 1.19 6.94 -3.11
CA ALA B 348 0.31 7.00 -4.27
C ALA B 348 -1.15 6.86 -3.86
N ALA B 349 -1.45 6.03 -2.86
CA ALA B 349 -2.84 5.88 -2.42
C ALA B 349 -3.37 7.16 -1.78
N LEU B 350 -2.52 7.87 -1.03
CA LEU B 350 -2.96 9.12 -0.42
C LEU B 350 -3.18 10.20 -1.49
N LEU B 351 -2.34 10.21 -2.53
CA LEU B 351 -2.58 11.09 -3.67
C LEU B 351 -3.90 10.76 -4.35
N ASP B 352 -4.16 9.46 -4.55
CA ASP B 352 -5.46 8.98 -5.03
C ASP B 352 -6.61 9.53 -4.19
N ALA B 353 -6.44 9.53 -2.87
CA ALA B 353 -7.51 9.95 -1.97
C ALA B 353 -7.85 11.43 -2.10
N MET B 354 -6.99 12.24 -2.72
CA MET B 354 -7.32 13.64 -2.92
C MET B 354 -8.53 13.86 -3.81
N GLN B 355 -9.03 12.80 -4.45
CA GLN B 355 -10.17 12.92 -5.35
C GLN B 355 -11.51 12.87 -4.61
N SER B 356 -11.57 13.43 -3.41
CA SER B 356 -12.75 13.28 -2.58
C SER B 356 -13.83 14.24 -3.09
N ASP B 357 -15.02 13.70 -3.34
CA ASP B 357 -16.08 14.44 -4.01
C ASP B 357 -16.83 15.36 -3.04
N HIS B 358 -17.13 16.56 -3.53
CA HIS B 358 -18.09 17.50 -2.91
C HIS B 358 -17.64 17.84 -1.49
N GLU B 359 -18.50 17.73 -0.47
CA GLU B 359 -18.21 18.20 0.88
C GLU B 359 -17.87 17.08 1.85
N ARG B 360 -18.07 15.82 1.47
CA ARG B 360 -17.58 14.67 2.22
C ARG B 360 -17.38 13.54 1.23
N GLY B 361 -16.15 13.05 1.11
CA GLY B 361 -15.83 12.11 0.06
C GLY B 361 -16.46 10.75 0.26
N THR B 362 -16.91 10.15 -0.84
CA THR B 362 -17.57 8.85 -0.83
C THR B 362 -16.57 7.73 -1.11
N GLY B 363 -15.63 7.53 -0.18
CA GLY B 363 -14.61 6.52 -0.36
C GLY B 363 -13.18 7.02 -0.23
N PRO B 364 -12.82 8.07 -0.99
CA PRO B 364 -11.43 8.57 -0.91
C PRO B 364 -10.97 8.92 0.49
N TRP B 365 -11.82 9.63 1.23
CA TRP B 365 -11.52 9.97 2.62
C TRP B 365 -11.10 8.74 3.42
N GLU B 366 -11.79 7.63 3.21
CA GLU B 366 -11.54 6.43 4.01
C GLU B 366 -10.20 5.76 3.69
N ILE B 367 -9.61 6.03 2.51
CA ILE B 367 -8.26 5.55 2.22
C ILE B 367 -7.28 6.04 3.28
N ILE B 368 -7.44 7.29 3.71
CA ILE B 368 -6.53 7.89 4.68
C ILE B 368 -6.62 7.19 6.03
N TRP B 369 -7.80 6.70 6.41
CA TRP B 369 -7.94 6.00 7.69
C TRP B 369 -7.01 4.81 7.76
N VAL B 370 -6.79 4.12 6.63
CA VAL B 370 -5.99 2.90 6.60
C VAL B 370 -4.51 3.21 6.37
N GLN B 371 -4.20 4.05 5.38
CA GLN B 371 -2.82 4.17 4.91
C GLN B 371 -1.94 4.96 5.88
N LEU B 372 -2.45 6.06 6.42
CA LEU B 372 -1.61 6.93 7.24
C LEU B 372 -1.03 6.22 8.46
N PRO B 373 -1.80 5.49 9.28
CA PRO B 373 -1.17 4.77 10.40
C PRO B 373 -0.17 3.73 9.94
N LEU B 374 -0.46 3.02 8.84
CA LEU B 374 0.49 2.03 8.34
C LEU B 374 1.80 2.70 7.93
N MET B 375 1.70 3.76 7.11
CA MET B 375 2.88 4.46 6.63
C MET B 375 3.71 5.02 7.78
N MET B 376 3.04 5.59 8.79
CA MET B 376 3.76 6.09 9.97
C MET B 376 4.48 4.95 10.68
N ASN B 377 3.82 3.80 10.83
CA ASN B 377 4.44 2.67 11.53
C ASN B 377 5.62 2.14 10.73
N TRP B 378 5.42 1.89 9.43
CA TRP B 378 6.52 1.45 8.56
C TRP B 378 7.70 2.42 8.61
N THR B 379 7.42 3.73 8.61
CA THR B 379 8.51 4.70 8.60
C THR B 379 9.25 4.70 9.92
N SER B 380 8.53 4.56 11.05
CA SER B 380 9.21 4.52 12.34
C SER B 380 10.11 3.30 12.46
N ALA B 381 9.67 2.17 11.89
CA ALA B 381 10.52 0.96 11.91
C ALA B 381 11.75 1.13 11.03
N ALA B 382 11.60 1.73 9.85
CA ALA B 382 12.76 2.04 9.02
C ALA B 382 13.70 3.01 9.72
N LEU B 383 13.14 4.06 10.34
CA LEU B 383 13.98 5.02 11.06
C LEU B 383 14.69 4.38 12.23
N ASN B 384 13.98 3.52 12.96
CA ASN B 384 14.57 2.82 14.10
C ASN B 384 15.78 2.00 13.67
N ASN B 385 15.64 1.26 12.56
CA ASN B 385 16.73 0.42 12.09
C ASN B 385 17.91 1.24 11.57
N ALA B 386 17.62 2.33 10.84
CA ALA B 386 18.72 3.15 10.32
C ALA B 386 19.46 3.85 11.46
N ASP B 387 18.73 4.32 12.47
CA ASP B 387 19.35 4.93 13.64
C ASP B 387 20.29 3.94 14.34
N PHE B 388 19.81 2.72 14.57
CA PHE B 388 20.60 1.68 15.22
C PHE B 388 21.86 1.35 14.42
N VAL B 389 21.71 1.16 13.10
CA VAL B 389 22.85 0.76 12.28
C VAL B 389 23.93 1.85 12.27
N LEU B 390 23.54 3.10 12.03
CA LEU B 390 24.53 4.16 11.92
C LEU B 390 25.23 4.42 13.25
N ARG B 391 24.54 4.17 14.36
CA ARG B 391 25.11 4.45 15.67
C ARG B 391 26.10 3.38 16.11
N GLY B 392 25.99 2.16 15.59
CA GLY B 392 26.97 1.13 15.87
C GLY B 392 27.63 0.55 14.64
N LEU B 393 27.68 1.32 13.55
CA LEU B 393 28.20 0.84 12.28
C LEU B 393 29.66 0.39 12.42
N GLN B 394 29.95 -0.80 11.89
CA GLN B 394 31.32 -1.30 11.79
C GLN B 394 31.91 -0.89 10.44
N VAL B 395 33.10 -0.29 10.47
CA VAL B 395 33.81 0.13 9.26
C VAL B 395 35.14 -0.60 9.20
N PHE B 396 35.49 -1.14 8.03
CA PHE B 396 36.70 -1.94 7.84
C PHE B 396 37.61 -1.31 6.79
N PRO B 397 38.49 -0.38 7.20
CA PRO B 397 39.37 0.27 6.22
C PRO B 397 40.29 -0.70 5.48
N ASP B 398 40.69 -1.81 6.10
CA ASP B 398 41.60 -2.75 5.45
C ASP B 398 40.93 -3.43 4.26
N ALA B 399 39.65 -3.78 4.38
CA ALA B 399 38.90 -4.30 3.24
C ALA B 399 38.74 -3.23 2.16
N MET B 400 38.44 -2.00 2.56
CA MET B 400 38.37 -0.89 1.62
C MET B 400 39.66 -0.74 0.84
N GLN B 401 40.81 -0.81 1.54
CA GLN B 401 42.10 -0.70 0.87
C GLN B 401 42.32 -1.87 -0.07
N HIS B 402 41.93 -3.08 0.36
CA HIS B 402 42.08 -4.26 -0.49
C HIS B 402 41.30 -4.12 -1.79
N ASN B 403 40.06 -3.63 -1.71
CA ASN B 403 39.28 -3.44 -2.93
C ASN B 403 39.84 -2.33 -3.80
N LEU B 404 40.45 -1.31 -3.19
CA LEU B 404 41.09 -0.27 -3.98
C LEU B 404 42.24 -0.83 -4.81
N ASP B 405 42.89 -1.89 -4.33
CA ASP B 405 44.06 -2.46 -4.99
C ASP B 405 43.73 -3.53 -6.02
N LEU B 406 42.44 -3.86 -6.21
CA LEU B 406 42.09 -4.95 -7.12
C LEU B 406 42.52 -4.66 -8.55
N SER B 407 42.29 -3.45 -9.04
CA SER B 407 42.59 -3.10 -10.43
C SER B 407 44.08 -2.83 -10.68
N LYS B 408 44.91 -2.89 -9.63
CA LYS B 408 46.37 -2.80 -9.77
C LYS B 408 46.81 -1.48 -10.38
N GLY B 409 46.10 -0.39 -10.06
CA GLY B 409 46.44 0.93 -10.54
C GLY B 409 45.45 1.52 -11.51
N LEU B 410 44.64 0.70 -12.19
CA LEU B 410 43.74 1.22 -13.20
C LEU B 410 42.78 2.25 -12.62
N ILE B 411 42.40 2.10 -11.35
CA ILE B 411 41.44 3.01 -10.76
C ILE B 411 42.00 4.43 -10.62
N VAL B 412 43.32 4.59 -10.67
CA VAL B 412 43.89 5.94 -10.56
C VAL B 412 44.70 6.28 -11.81
N SER B 413 44.35 5.70 -12.95
CA SER B 413 44.99 6.06 -14.20
C SER B 413 44.85 7.55 -14.49
N GLU B 414 43.72 8.13 -14.10
CA GLU B 414 43.49 9.55 -14.30
C GLU B 414 44.50 10.38 -13.50
N ALA B 415 44.91 9.89 -12.33
CA ALA B 415 45.97 10.58 -11.61
C ALA B 415 47.29 10.53 -12.37
N VAL B 416 47.57 9.44 -13.08
CA VAL B 416 48.79 9.36 -13.88
C VAL B 416 48.71 10.32 -15.05
N MET B 417 47.54 10.39 -15.71
CA MET B 417 47.36 11.32 -16.82
C MET B 417 47.64 12.76 -16.39
N MET B 418 47.13 13.15 -15.23
CA MET B 418 47.32 14.52 -14.75
C MET B 418 48.79 14.83 -14.51
N GLY B 419 49.48 13.95 -13.77
CA GLY B 419 50.89 14.18 -13.50
C GLY B 419 51.75 14.22 -14.76
N LEU B 420 51.43 13.36 -15.74
CA LEU B 420 52.20 13.30 -16.97
C LEU B 420 51.76 14.35 -17.98
N GLY B 421 50.61 14.98 -17.76
CA GLY B 421 50.11 15.98 -18.69
C GLY B 421 51.01 17.19 -18.76
N ASN B 422 51.68 17.52 -17.65
CA ASN B 422 52.53 18.70 -17.63
C ASN B 422 53.74 18.57 -18.55
N THR B 423 54.33 17.37 -18.68
CA THR B 423 55.48 17.21 -19.56
C THR B 423 55.12 16.85 -20.99
N LEU B 424 54.04 16.09 -21.22
CA LEU B 424 53.71 15.63 -22.57
C LEU B 424 52.54 16.37 -23.21
N GLY B 425 51.81 17.17 -22.45
CA GLY B 425 50.55 17.73 -22.91
C GLY B 425 49.39 16.93 -22.35
N ARG B 426 48.34 17.64 -21.91
CA ARG B 426 47.23 16.99 -21.22
C ARG B 426 46.51 15.97 -22.11
N GLN B 427 46.17 16.37 -23.34
CA GLN B 427 45.44 15.46 -24.21
C GLN B 427 46.28 14.24 -24.58
N TYR B 428 47.55 14.47 -24.94
CA TYR B 428 48.44 13.38 -25.31
C TYR B 428 48.67 12.44 -24.13
N ALA B 429 48.81 13.01 -22.92
CA ALA B 429 48.97 12.17 -21.72
C ALA B 429 47.79 11.23 -21.53
N HIS B 430 46.58 11.75 -21.72
CA HIS B 430 45.38 10.90 -21.63
C HIS B 430 45.47 9.73 -22.60
N ASP B 431 45.75 10.01 -23.87
CA ASP B 431 45.79 8.96 -24.88
C ASP B 431 46.90 7.96 -24.58
N ALA B 432 48.08 8.44 -24.17
CA ALA B 432 49.19 7.54 -23.88
C ALA B 432 48.86 6.63 -22.70
N VAL B 433 48.33 7.19 -21.61
CA VAL B 433 48.03 6.38 -20.43
C VAL B 433 46.88 5.42 -20.71
N TYR B 434 45.90 5.86 -21.50
CA TYR B 434 44.81 4.97 -21.90
C TYR B 434 45.34 3.71 -22.55
N GLU B 435 46.28 3.84 -23.48
CA GLU B 435 46.84 2.66 -24.15
C GLU B 435 47.53 1.76 -23.14
N CYS B 436 48.27 2.35 -22.19
CA CYS B 436 48.91 1.54 -21.16
C CYS B 436 47.88 0.83 -20.29
N CYS B 437 46.75 1.50 -20.00
CA CYS B 437 45.72 0.89 -19.18
C CYS B 437 45.20 -0.40 -19.79
N ARG B 438 44.74 -0.33 -21.04
CA ARG B 438 44.15 -1.52 -21.63
C ARG B 438 45.19 -2.61 -21.85
N THR B 439 46.45 -2.24 -22.14
CA THR B 439 47.52 -3.23 -22.15
C THR B 439 47.62 -3.92 -20.80
N ALA B 440 47.59 -3.15 -19.71
CA ALA B 440 47.67 -3.73 -18.37
C ALA B 440 46.48 -4.63 -18.07
N PHE B 441 45.31 -4.29 -18.62
CA PHE B 441 44.11 -5.08 -18.39
C PHE B 441 44.22 -6.47 -19.04
N VAL B 442 44.63 -6.51 -20.31
CA VAL B 442 44.72 -7.78 -21.03
C VAL B 442 45.71 -8.72 -20.38
N GLN B 443 46.84 -8.18 -19.91
CA GLN B 443 47.91 -9.01 -19.35
C GLN B 443 47.79 -9.22 -17.85
N ASP B 444 46.82 -8.58 -17.19
CA ASP B 444 46.64 -8.71 -15.73
C ASP B 444 47.91 -8.35 -14.98
N ARG B 445 48.48 -7.19 -15.32
CA ARG B 445 49.67 -6.69 -14.67
C ARG B 445 49.42 -5.30 -14.10
N PRO B 446 50.20 -4.88 -13.10
CA PRO B 446 50.02 -3.53 -12.56
C PRO B 446 50.29 -2.47 -13.63
N LEU B 447 49.49 -1.40 -13.58
CA LEU B 447 49.69 -0.28 -14.49
C LEU B 447 51.10 0.28 -14.38
N LEU B 448 51.66 0.30 -13.16
CA LEU B 448 53.02 0.79 -12.96
C LEU B 448 54.01 0.05 -13.84
N ASP B 449 53.91 -1.28 -13.87
CA ASP B 449 54.83 -2.08 -14.67
C ASP B 449 54.70 -1.75 -16.16
N VAL B 450 53.48 -1.50 -16.62
CA VAL B 450 53.28 -1.19 -18.03
C VAL B 450 53.71 0.24 -18.33
N LEU B 451 53.47 1.17 -17.41
CA LEU B 451 53.92 2.55 -17.59
C LEU B 451 55.44 2.62 -17.70
N LEU B 452 56.14 1.91 -16.83
CA LEU B 452 57.60 1.92 -16.83
C LEU B 452 58.17 1.38 -18.14
N GLU B 453 57.40 0.55 -18.85
CA GLU B 453 57.76 0.07 -20.19
C GLU B 453 57.37 1.04 -21.30
N ASN B 454 57.29 2.33 -21.00
CA ASN B 454 57.04 3.36 -22.00
C ASN B 454 58.10 4.46 -21.90
N HIS B 455 59.00 4.57 -22.89
CA HIS B 455 60.08 5.53 -22.79
C HIS B 455 59.57 6.95 -22.65
N GLU B 456 58.56 7.31 -23.45
CA GLU B 456 58.00 8.66 -23.35
C GLU B 456 57.50 8.95 -21.94
N ILE B 457 56.86 7.98 -21.31
CA ILE B 457 56.39 8.16 -19.94
C ILE B 457 57.53 8.01 -18.94
N ALA B 458 58.32 6.93 -19.07
CA ALA B 458 59.38 6.65 -18.12
C ALA B 458 60.52 7.67 -18.18
N SER B 459 60.68 8.40 -19.28
CA SER B 459 61.72 9.43 -19.33
C SER B 459 61.32 10.70 -18.62
N LYS B 460 60.04 10.86 -18.26
CA LYS B 460 59.56 12.08 -17.64
C LYS B 460 59.12 11.88 -16.20
N LEU B 461 58.95 10.63 -15.74
CA LEU B 461 58.58 10.32 -14.37
C LEU B 461 59.34 9.09 -13.91
N ASP B 462 60.09 9.22 -12.81
CA ASP B 462 60.81 8.11 -12.23
C ASP B 462 59.85 7.20 -11.50
N ARG B 463 60.37 6.09 -11.00
CA ARG B 463 59.52 5.12 -10.33
C ARG B 463 58.86 5.71 -9.09
N THR B 464 59.64 6.46 -8.30
CA THR B 464 59.15 6.99 -7.03
C THR B 464 57.94 7.85 -7.28
N GLU B 465 58.04 8.76 -8.24
CA GLU B 465 56.86 9.52 -8.61
C GLU B 465 55.78 8.59 -9.18
N LEU B 466 56.17 7.51 -9.91
CA LEU B 466 55.16 6.72 -10.65
C LEU B 466 54.30 5.80 -9.76
N GLU B 467 54.90 5.06 -8.79
CA GLU B 467 54.04 4.34 -7.86
C GLU B 467 53.29 5.34 -6.96
N LYS B 468 53.78 6.60 -6.81
CA LYS B 468 52.97 7.53 -6.04
C LYS B 468 51.68 7.83 -6.78
N LEU B 469 51.79 8.05 -8.08
CA LEU B 469 50.63 8.32 -8.91
C LEU B 469 49.74 7.10 -9.04
N CYS B 470 50.31 5.90 -8.97
CA CYS B 470 49.55 4.66 -9.05
C CYS B 470 48.99 4.25 -7.69
N ASP B 471 49.23 5.03 -6.63
CA ASP B 471 48.75 4.70 -5.30
C ASP B 471 47.33 5.24 -5.15
N PRO B 472 46.31 4.40 -5.02
CA PRO B 472 44.93 4.91 -4.97
C PRO B 472 44.69 5.88 -3.83
N ALA B 473 45.44 5.79 -2.74
CA ALA B 473 45.22 6.65 -1.59
C ALA B 473 45.71 8.08 -1.81
N ASN B 474 46.35 8.38 -2.94
CA ASN B 474 46.83 9.73 -3.23
C ASN B 474 45.92 10.50 -4.18
N TYR B 475 44.81 9.91 -4.59
CA TYR B 475 43.89 10.52 -5.55
C TYR B 475 42.52 10.62 -4.88
N LEU B 476 42.42 11.50 -3.89
CA LEU B 476 41.19 11.74 -3.17
C LEU B 476 40.52 13.05 -3.54
N GLY B 477 41.18 13.90 -4.33
CA GLY B 477 40.58 15.17 -4.66
C GLY B 477 40.29 16.00 -3.42
N GLN B 478 39.25 16.83 -3.52
CA GLN B 478 38.87 17.70 -2.42
C GLN B 478 37.82 17.08 -1.50
N CYS B 479 37.88 15.76 -1.28
CA CYS B 479 36.90 15.11 -0.40
C CYS B 479 36.85 15.79 0.97
N SER B 480 38.02 16.16 1.52
CA SER B 480 38.06 16.72 2.85
C SER B 480 37.41 18.10 2.90
N GLN B 481 37.62 18.92 1.86
CA GLN B 481 37.01 20.24 1.84
C GLN B 481 35.51 20.15 1.60
N TRP B 482 35.06 19.18 0.81
CA TRP B 482 33.61 19.00 0.63
C TRP B 482 32.96 18.58 1.94
N ILE B 483 33.63 17.73 2.72
CA ILE B 483 33.11 17.35 4.03
C ILE B 483 32.98 18.58 4.94
N ASP B 484 33.99 19.45 4.95
CA ASP B 484 33.93 20.67 5.74
C ASP B 484 32.75 21.54 5.31
N ARG B 485 32.43 21.55 4.02
CA ARG B 485 31.30 22.35 3.55
C ARG B 485 29.98 21.86 4.13
N VAL B 486 29.85 20.55 4.33
CA VAL B 486 28.63 19.99 4.91
C VAL B 486 28.61 20.15 6.42
N LEU B 487 29.78 20.03 7.06
CA LEU B 487 29.82 20.10 8.52
C LEU B 487 29.64 21.52 9.02
N SER B 488 30.21 22.49 8.30
CA SER B 488 30.20 23.88 8.75
C SER B 488 28.82 24.47 9.04
N PRO B 489 27.74 24.11 8.32
CA PRO B 489 26.45 24.63 8.81
C PRO B 489 25.76 23.69 9.81
#